data_3FFH
#
_entry.id   3FFH
#
_cell.length_a   78.456
_cell.length_b   83.671
_cell.length_c   122.773
_cell.angle_alpha   90.00
_cell.angle_beta   90.00
_cell.angle_gamma   90.00
#
_symmetry.space_group_name_H-M   'P 21 21 21'
#
loop_
_entity.id
_entity.type
_entity.pdbx_description
1 polymer 'Histidinol-phosphate aminotransferase'
2 non-polymer 'SULFATE ION'
3 water water
#
_entity_poly.entity_id   1
_entity_poly.type   'polypeptide(L)'
_entity_poly.pdbx_seq_one_letter_code
;SNA(MSE)KWKKSLAGLSSYKPGKREEEV(MSE)AELGLTKITKLSSNENPLGTSKKVAAIQANSSVETEIYPDGWASSL
RKEVADFYQLEEEELIFTAGVDELIELLTRVLLDTTTNTV(MSE)ATPTFVQYRQNALIEGAEVREIPLLQDGEHDLEG
(MSE)LNAIDEKTTIVWICNPNNPTGNYIELADIQAFLDRVPSDVLVVLDEAYIEYVTPQPEKHEKLVRTYKNLIITRTF
SKIYGLASARVGYGIADKEIIRQLNIVRPPFNTTSIGQKLAIEAIKDQAFIGECRTSNANGIKQYEAFAKRFEKVKLYPA
NGNFVLIDLGIEAGTIFSYLEKNGYITRSGAALGFPTAVRITIGKEEDNSAVIALLEKLL
;
_entity_poly.pdbx_strand_id   A,B
#
# COMPACT_ATOMS: atom_id res chain seq x y z
N ASN A 2 4.37 29.69 9.48
CA ASN A 2 5.06 28.61 10.24
C ASN A 2 4.65 27.21 9.74
N ALA A 3 5.64 26.37 9.47
CA ALA A 3 5.42 25.04 8.90
C ALA A 3 5.22 23.96 9.98
N LYS A 5 6.41 20.36 11.71
CA LYS A 5 7.77 20.02 12.13
C LYS A 5 8.29 18.83 11.34
N TRP A 6 8.50 19.02 10.04
CA TRP A 6 8.80 17.86 9.18
C TRP A 6 10.18 17.35 9.50
N LYS A 7 10.38 16.03 9.43
CA LYS A 7 11.73 15.51 9.65
C LYS A 7 12.71 16.12 8.65
N LYS A 8 13.95 16.25 9.07
CA LYS A 8 14.95 16.91 8.25
C LYS A 8 15.44 16.03 7.07
N SER A 9 15.29 14.72 7.20
CA SER A 9 15.73 13.77 6.17
C SER A 9 14.93 13.89 4.87
N LEU A 10 13.79 14.59 4.93
CA LEU A 10 12.95 14.77 3.75
C LEU A 10 13.52 15.75 2.71
N ALA A 11 14.42 16.63 3.15
CA ALA A 11 15.04 17.63 2.28
C ALA A 11 15.66 17.02 1.04
N GLY A 12 16.38 15.92 1.25
CA GLY A 12 17.08 15.22 0.19
C GLY A 12 16.23 14.24 -0.60
N LEU A 13 14.92 14.47 -0.62
CA LEU A 13 14.01 13.70 -1.46
C LEU A 13 13.56 14.47 -2.70
N SER A 14 13.41 13.74 -3.81
CA SER A 14 13.15 14.33 -5.13
C SER A 14 11.73 14.89 -5.34
N SER A 15 10.75 14.00 -5.54
CA SER A 15 9.39 14.41 -5.90
C SER A 15 8.38 13.29 -5.63
N LYS A 20 -0.21 6.22 -17.19
CA LYS A 20 -0.78 7.52 -17.50
C LYS A 20 -0.45 7.98 -18.93
N ARG A 21 0.73 7.58 -19.42
CA ARG A 21 1.29 8.08 -20.68
C ARG A 21 0.38 7.81 -21.91
N GLU A 22 0.03 6.53 -22.10
CA GLU A 22 -0.64 6.00 -23.31
C GLU A 22 -1.58 6.95 -24.07
N GLU A 23 -2.70 7.32 -23.43
CA GLU A 23 -3.72 8.13 -24.08
C GLU A 23 -3.39 9.62 -24.21
N GLU A 24 -2.88 10.22 -23.13
CA GLU A 24 -2.62 11.67 -23.11
C GLU A 24 -1.46 12.08 -24.02
N VAL A 25 -0.32 11.40 -23.88
CA VAL A 25 0.88 11.67 -24.69
C VAL A 25 0.64 11.45 -26.19
N ALA A 27 -2.18 11.62 -27.90
CA ALA A 27 -2.98 12.72 -28.40
C ALA A 27 -2.21 14.05 -28.31
N GLU A 28 -1.44 14.23 -27.22
CA GLU A 28 -0.54 15.37 -27.07
C GLU A 28 0.70 15.21 -27.96
N LEU A 29 0.46 14.74 -29.18
CA LEU A 29 1.47 14.55 -30.22
C LEU A 29 0.75 14.24 -31.53
N GLY A 30 -0.26 13.37 -31.45
CA GLY A 30 -1.03 12.98 -32.62
C GLY A 30 -0.37 11.87 -33.43
N LEU A 31 0.00 10.79 -32.76
CA LEU A 31 0.47 9.57 -33.42
C LEU A 31 -0.68 8.57 -33.45
N THR A 32 -0.69 7.68 -34.45
CA THR A 32 -1.74 6.65 -34.54
C THR A 32 -1.82 5.80 -33.26
N LYS A 33 -0.72 5.15 -32.92
CA LYS A 33 -0.64 4.35 -31.70
C LYS A 33 0.71 4.64 -31.08
N ILE A 34 0.93 4.10 -29.89
CA ILE A 34 2.17 4.30 -29.20
C ILE A 34 2.56 2.97 -28.59
N THR A 35 3.85 2.76 -28.38
CA THR A 35 4.31 1.55 -27.73
C THR A 35 5.09 1.93 -26.49
N LYS A 36 4.69 1.36 -25.36
CA LYS A 36 5.31 1.63 -24.08
C LYS A 36 6.37 0.59 -23.76
N LEU A 37 7.62 1.02 -23.70
CA LEU A 37 8.73 0.14 -23.42
C LEU A 37 9.54 0.73 -22.30
N SER A 38 8.82 1.26 -21.31
CA SER A 38 9.40 2.03 -20.20
C SER A 38 9.22 1.41 -18.81
N SER A 39 8.31 0.46 -18.65
CA SER A 39 8.01 -0.03 -17.29
C SER A 39 8.42 -1.47 -16.90
N ASN A 40 8.95 -2.24 -17.85
CA ASN A 40 9.45 -3.60 -17.56
C ASN A 40 8.40 -4.63 -17.15
N GLU A 41 7.14 -4.26 -17.20
CA GLU A 41 6.09 -5.23 -17.01
C GLU A 41 6.05 -5.99 -18.35
N ASN A 42 5.84 -7.31 -18.31
CA ASN A 42 5.92 -8.17 -19.49
C ASN A 42 5.15 -7.62 -20.70
N PRO A 43 5.87 -7.18 -21.73
CA PRO A 43 5.13 -6.61 -22.85
C PRO A 43 4.37 -7.67 -23.63
N LEU A 44 4.69 -8.95 -23.42
CA LEU A 44 3.95 -10.03 -24.06
C LEU A 44 2.69 -10.35 -23.28
N GLY A 45 2.48 -9.68 -22.14
CA GLY A 45 1.25 -9.81 -21.38
C GLY A 45 1.26 -10.88 -20.30
N THR A 46 0.19 -11.63 -20.24
CA THR A 46 0.02 -12.60 -19.21
C THR A 46 -0.20 -13.96 -19.88
N SER A 47 -0.16 -15.05 -19.11
CA SER A 47 -0.43 -16.35 -19.71
C SER A 47 -1.91 -16.43 -20.06
N LYS A 48 -2.28 -17.32 -21.00
CA LYS A 48 -3.63 -17.37 -21.55
C LYS A 48 -4.67 -17.83 -20.56
N LYS A 49 -4.22 -18.56 -19.54
CA LYS A 49 -5.07 -19.06 -18.49
C LYS A 49 -5.37 -17.94 -17.50
N VAL A 50 -4.34 -17.21 -17.10
CA VAL A 50 -4.54 -15.99 -16.31
C VAL A 50 -5.54 -15.07 -17.03
N ALA A 51 -5.32 -14.85 -18.32
CA ALA A 51 -6.23 -14.06 -19.14
C ALA A 51 -7.67 -14.55 -19.05
N ALA A 52 -7.89 -15.85 -19.27
CA ALA A 52 -9.24 -16.38 -19.26
C ALA A 52 -9.95 -16.10 -17.94
N ILE A 53 -9.24 -16.21 -16.82
CA ILE A 53 -9.81 -15.93 -15.49
C ILE A 53 -10.23 -14.46 -15.41
N GLN A 54 -9.33 -13.55 -15.78
CA GLN A 54 -9.63 -12.12 -15.81
C GLN A 54 -10.89 -11.81 -16.62
N ALA A 55 -10.93 -12.31 -17.85
CA ALA A 55 -12.03 -12.05 -18.78
C ALA A 55 -13.35 -12.64 -18.28
N ASN A 56 -13.26 -13.54 -17.32
CA ASN A 56 -14.44 -14.14 -16.74
C ASN A 56 -14.62 -13.70 -15.30
N SER A 57 -14.21 -12.47 -15.02
CA SER A 57 -14.20 -11.95 -13.67
C SER A 57 -14.52 -10.45 -13.71
N SER A 58 -15.70 -10.07 -13.20
CA SER A 58 -16.14 -8.67 -13.16
C SER A 58 -15.36 -7.89 -12.10
N VAL A 59 -15.36 -6.56 -12.21
CA VAL A 59 -14.59 -5.69 -11.29
C VAL A 59 -14.95 -5.79 -9.78
N GLU A 60 -16.04 -6.51 -9.47
CA GLU A 60 -16.40 -6.87 -8.10
C GLU A 60 -15.29 -7.71 -7.45
N THR A 61 -14.68 -7.18 -6.39
CA THR A 61 -13.42 -7.68 -5.84
C THR A 61 -13.25 -7.36 -4.35
N GLU A 62 -12.88 -8.36 -3.55
CA GLU A 62 -12.69 -8.18 -2.12
C GLU A 62 -11.20 -8.05 -1.74
N ILE A 63 -10.90 -7.23 -0.74
CA ILE A 63 -9.57 -7.18 -0.15
C ILE A 63 -9.49 -8.23 0.97
N TYR A 64 -8.53 -9.15 0.85
CA TYR A 64 -8.33 -10.25 1.80
C TYR A 64 -9.59 -11.07 2.09
N ALA A 69 -4.67 -15.53 2.31
CA ALA A 69 -3.73 -15.81 1.23
C ALA A 69 -3.36 -17.30 1.15
N SER A 70 -4.23 -18.14 1.73
CA SER A 70 -3.94 -19.54 2.02
C SER A 70 -3.58 -20.40 0.80
N SER A 71 -4.51 -20.51 -0.16
CA SER A 71 -4.25 -21.18 -1.43
C SER A 71 -2.98 -20.64 -2.09
N LEU A 72 -2.79 -19.32 -2.03
CA LEU A 72 -1.58 -18.71 -2.62
C LEU A 72 -0.27 -19.13 -1.95
N ARG A 73 -0.18 -19.04 -0.61
CA ARG A 73 1.07 -19.42 0.07
C ARG A 73 1.35 -20.92 -0.02
N LYS A 74 0.30 -21.73 0.01
CA LYS A 74 0.44 -23.16 -0.21
C LYS A 74 1.02 -23.39 -1.62
N GLU A 75 0.42 -22.76 -2.61
CA GLU A 75 0.77 -22.90 -4.01
C GLU A 75 2.19 -22.44 -4.34
N VAL A 76 2.59 -21.30 -3.77
CA VAL A 76 3.94 -20.78 -3.89
C VAL A 76 4.93 -21.57 -3.02
N ALA A 77 4.57 -21.91 -1.78
CA ALA A 77 5.46 -22.73 -0.95
C ALA A 77 5.76 -24.09 -1.60
N ASP A 78 4.72 -24.72 -2.13
CA ASP A 78 4.85 -25.97 -2.89
C ASP A 78 5.69 -25.81 -4.16
N PHE A 79 5.43 -24.77 -4.96
CA PHE A 79 6.24 -24.54 -6.17
C PHE A 79 7.74 -24.41 -5.89
N TYR A 80 8.11 -23.86 -4.74
CA TYR A 80 9.51 -23.71 -4.40
C TYR A 80 10.04 -24.73 -3.42
N GLN A 81 9.19 -25.63 -2.93
CA GLN A 81 9.60 -26.62 -1.94
C GLN A 81 10.01 -25.97 -0.61
N LEU A 82 9.36 -24.86 -0.26
CA LEU A 82 9.64 -24.17 0.99
C LEU A 82 8.52 -24.45 1.97
N GLU A 83 8.77 -24.17 3.24
CA GLU A 83 7.73 -24.19 4.27
C GLU A 83 6.95 -22.91 4.13
N GLU A 84 5.64 -22.98 4.33
CA GLU A 84 4.77 -21.82 4.18
C GLU A 84 5.18 -20.64 5.07
N GLU A 85 5.67 -20.96 6.25
CA GLU A 85 6.09 -19.93 7.19
C GLU A 85 7.38 -19.21 6.78
N GLU A 86 7.98 -19.61 5.65
CA GLU A 86 9.15 -18.89 5.12
C GLU A 86 8.77 -17.81 4.10
N LEU A 87 7.47 -17.59 3.94
CA LEU A 87 6.95 -16.63 2.97
C LEU A 87 6.17 -15.47 3.62
N ILE A 88 6.40 -14.26 3.14
CA ILE A 88 5.49 -13.16 3.41
C ILE A 88 5.01 -12.59 2.08
N PHE A 89 3.72 -12.29 2.00
CA PHE A 89 3.16 -11.72 0.79
C PHE A 89 2.78 -10.28 1.03
N THR A 90 2.89 -9.49 -0.01
CA THR A 90 2.93 -8.04 0.07
C THR A 90 2.29 -7.45 -1.18
N ALA A 91 1.70 -6.27 -1.09
CA ALA A 91 1.06 -5.67 -2.25
C ALA A 91 2.11 -5.06 -3.19
N GLY A 92 2.89 -5.91 -3.83
CA GLY A 92 4.03 -5.52 -4.63
C GLY A 92 5.33 -5.53 -3.84
N VAL A 93 6.46 -5.79 -4.50
CA VAL A 93 7.78 -5.73 -3.87
C VAL A 93 8.06 -4.35 -3.19
N ASP A 94 7.46 -3.30 -3.72
CA ASP A 94 7.73 -1.96 -3.21
C ASP A 94 7.30 -1.80 -1.78
N GLU A 95 6.13 -2.34 -1.45
CA GLU A 95 5.66 -2.39 -0.08
C GLU A 95 6.60 -3.15 0.88
N LEU A 96 7.16 -4.26 0.40
CA LEU A 96 8.11 -5.06 1.17
C LEU A 96 9.38 -4.26 1.49
N ILE A 97 9.91 -3.60 0.47
CA ILE A 97 11.02 -2.65 0.61
C ILE A 97 10.75 -1.58 1.69
N GLU A 98 9.57 -0.97 1.64
CA GLU A 98 9.12 0.02 2.64
C GLU A 98 9.01 -0.63 4.04
N LEU A 99 8.36 -1.79 4.11
CA LEU A 99 8.29 -2.62 5.32
C LEU A 99 9.66 -2.82 5.99
N LEU A 100 10.62 -3.28 5.19
CA LEU A 100 11.99 -3.54 5.64
C LEU A 100 12.64 -2.29 6.21
N THR A 101 12.44 -1.15 5.56
CA THR A 101 13.12 0.06 5.99
C THR A 101 12.48 0.56 7.26
N ARG A 102 11.21 0.25 7.46
CA ARG A 102 10.47 0.74 8.64
C ARG A 102 10.76 -0.08 9.86
N VAL A 103 11.16 -1.32 9.67
CA VAL A 103 11.52 -2.14 10.81
C VAL A 103 12.98 -2.00 11.25
N LEU A 104 13.85 -1.46 10.39
CA LEU A 104 15.30 -1.54 10.66
C LEU A 104 16.11 -0.26 10.47
N LEU A 105 15.49 0.80 9.99
CA LEU A 105 16.26 1.99 9.72
C LEU A 105 15.71 3.20 10.44
N ASP A 106 16.59 3.94 11.10
CA ASP A 106 16.22 5.25 11.61
C ASP A 106 17.45 6.13 11.65
N THR A 107 17.36 7.29 12.30
CA THR A 107 18.47 8.26 12.32
C THR A 107 19.80 7.68 12.83
N THR A 108 19.77 6.60 13.59
CA THR A 108 21.00 6.08 14.20
C THR A 108 21.58 4.92 13.38
N THR A 109 21.01 4.62 12.22
CA THR A 109 21.50 3.50 11.42
C THR A 109 22.10 3.93 10.06
N ASN A 110 22.79 3.01 9.40
CA ASN A 110 23.13 3.24 8.00
C ASN A 110 22.76 2.00 7.23
N THR A 111 22.72 2.12 5.91
CA THR A 111 22.40 1.02 5.03
C THR A 111 23.34 1.11 3.86
N VAL A 112 23.70 -0.03 3.28
CA VAL A 112 24.57 0.03 2.12
C VAL A 112 23.94 -0.55 0.88
N ALA A 114 24.42 -0.20 -3.80
CA ALA A 114 25.13 0.24 -5.00
C ALA A 114 24.48 1.50 -5.57
N THR A 115 25.24 2.22 -6.41
CA THR A 115 24.66 3.33 -7.17
C THR A 115 25.25 3.36 -8.59
N PRO A 116 24.39 3.49 -9.63
CA PRO A 116 22.89 3.50 -9.60
C PRO A 116 22.23 2.12 -9.43
N THR A 117 21.15 2.12 -8.65
CA THR A 117 20.31 0.94 -8.49
C THR A 117 18.84 1.35 -8.39
N PHE A 118 17.92 0.42 -8.18
CA PHE A 118 16.51 0.75 -8.02
C PHE A 118 16.37 1.93 -7.02
N VAL A 119 15.73 3.03 -7.46
CA VAL A 119 15.64 4.24 -6.63
C VAL A 119 14.91 4.09 -5.31
N GLN A 120 14.02 3.10 -5.19
CA GLN A 120 13.19 2.94 -3.98
C GLN A 120 13.97 2.53 -2.71
N TYR A 121 15.11 1.83 -2.87
CA TYR A 121 15.96 1.50 -1.71
C TYR A 121 16.41 2.80 -1.00
N ARG A 122 16.86 3.76 -1.79
CA ARG A 122 17.43 5.00 -1.30
C ARG A 122 16.34 5.92 -0.75
N GLN A 123 15.31 6.14 -1.56
CA GLN A 123 14.09 6.83 -1.17
C GLN A 123 13.60 6.45 0.21
N ASN A 124 13.35 5.17 0.45
CA ASN A 124 12.82 4.72 1.73
C ASN A 124 13.81 4.84 2.87
N ALA A 125 15.09 4.70 2.55
CA ALA A 125 16.15 4.86 3.53
C ALA A 125 16.19 6.30 4.03
N LEU A 126 16.15 7.26 3.10
CA LEU A 126 16.15 8.67 3.43
C LEU A 126 14.97 9.12 4.29
N ILE A 127 13.77 8.61 3.97
CA ILE A 127 12.58 8.95 4.71
C ILE A 127 12.74 8.50 6.14
N GLU A 128 13.18 7.26 6.32
CA GLU A 128 13.37 6.72 7.64
C GLU A 128 14.47 7.45 8.39
N GLY A 129 15.27 8.21 7.66
CA GLY A 129 16.32 9.03 8.26
C GLY A 129 17.67 8.37 8.33
N ALA A 130 17.78 7.18 7.76
CA ALA A 130 19.05 6.47 7.76
C ALA A 130 20.14 7.14 6.90
N GLU A 131 21.40 6.88 7.24
CA GLU A 131 22.54 7.22 6.37
C GLU A 131 22.66 6.14 5.29
N VAL A 132 22.72 6.60 4.04
CA VAL A 132 22.81 5.72 2.89
C VAL A 132 24.24 5.76 2.39
N ARG A 133 24.96 4.66 2.52
CA ARG A 133 26.29 4.56 1.94
C ARG A 133 26.14 3.89 0.57
N GLU A 134 26.23 4.71 -0.47
CA GLU A 134 25.97 4.29 -1.83
C GLU A 134 27.31 4.03 -2.49
N ILE A 135 27.51 2.80 -2.92
CA ILE A 135 28.78 2.35 -3.49
C ILE A 135 28.67 2.35 -5.01
N PRO A 136 29.49 3.17 -5.72
CA PRO A 136 29.44 3.23 -7.19
C PRO A 136 29.53 1.85 -7.83
N LEU A 137 28.74 1.64 -8.87
CA LEU A 137 28.95 0.50 -9.78
C LEU A 137 30.36 0.47 -10.42
N LEU A 138 30.87 -0.73 -10.69
CA LEU A 138 32.03 -0.95 -11.56
C LEU A 138 31.77 -0.49 -13.00
N GLN A 139 32.88 -0.32 -13.72
CA GLN A 139 32.85 0.04 -15.13
C GLN A 139 31.89 -0.78 -15.98
N ASP A 140 31.95 -2.10 -15.82
CA ASP A 140 31.03 -2.99 -16.51
C ASP A 140 29.55 -2.91 -16.05
N GLY A 141 29.27 -2.13 -15.00
CA GLY A 141 27.91 -1.97 -14.45
C GLY A 141 27.65 -2.92 -13.29
N GLU A 142 28.65 -3.68 -12.90
CA GLU A 142 28.51 -4.64 -11.79
C GLU A 142 28.54 -3.96 -10.41
N HIS A 143 27.95 -4.65 -9.44
CA HIS A 143 27.98 -4.26 -8.06
C HIS A 143 29.41 -4.38 -7.58
N ASP A 144 29.87 -3.35 -6.91
CA ASP A 144 31.16 -3.41 -6.32
C ASP A 144 30.96 -4.07 -4.95
N LEU A 145 30.82 -5.40 -5.01
CA LEU A 145 30.60 -6.24 -3.83
C LEU A 145 31.64 -6.01 -2.74
N GLU A 146 32.90 -6.01 -3.14
CA GLU A 146 34.01 -5.76 -2.23
C GLU A 146 33.92 -4.41 -1.53
N GLY A 147 33.70 -3.35 -2.31
CA GLY A 147 33.48 -2.01 -1.77
C GLY A 147 32.32 -2.01 -0.80
N LEU A 149 31.26 -4.64 1.07
CA LEU A 149 31.79 -5.25 2.33
C LEU A 149 32.54 -4.23 3.16
N ASN A 150 33.41 -3.46 2.52
CA ASN A 150 34.17 -2.43 3.22
C ASN A 150 33.30 -1.38 3.92
N ALA A 151 32.10 -1.13 3.37
CA ALA A 151 31.23 -0.06 3.87
C ALA A 151 30.33 -0.46 5.04
N ILE A 152 30.29 -1.76 5.37
CA ILE A 152 29.52 -2.29 6.50
C ILE A 152 30.15 -1.92 7.84
N ASP A 153 29.31 -1.49 8.80
CA ASP A 153 29.67 -1.01 10.13
C ASP A 153 28.87 -1.73 11.17
N GLU A 154 29.15 -1.38 12.42
CA GLU A 154 28.30 -1.79 13.54
C GLU A 154 26.89 -1.15 13.43
N LYS A 155 26.81 -0.01 12.77
CA LYS A 155 25.54 0.69 12.61
C LYS A 155 24.75 0.32 11.33
N THR A 156 25.37 -0.50 10.49
CA THR A 156 24.72 -1.00 9.31
C THR A 156 23.68 -2.05 9.68
N THR A 157 22.46 -1.89 9.21
CA THR A 157 21.42 -2.87 9.54
C THR A 157 20.88 -3.57 8.30
N ILE A 158 20.92 -2.89 7.14
CA ILE A 158 20.53 -3.51 5.86
C ILE A 158 21.60 -3.29 4.78
N VAL A 159 21.87 -4.37 4.03
CA VAL A 159 22.61 -4.30 2.77
C VAL A 159 21.68 -4.71 1.62
N TRP A 160 21.61 -3.91 0.57
CA TRP A 160 20.66 -4.15 -0.53
C TRP A 160 21.40 -4.65 -1.76
N ILE A 161 20.94 -5.77 -2.31
CA ILE A 161 21.54 -6.32 -3.52
C ILE A 161 20.45 -6.54 -4.56
N CYS A 162 20.55 -5.81 -5.66
CA CYS A 162 19.57 -5.93 -6.72
C CYS A 162 20.16 -6.82 -7.84
N ASN A 163 19.56 -7.97 -8.11
CA ASN A 163 20.19 -8.96 -8.97
C ASN A 163 19.19 -9.81 -9.76
N PRO A 164 19.11 -9.66 -11.10
CA PRO A 164 19.86 -8.74 -11.97
C PRO A 164 19.56 -7.31 -11.61
N ASN A 165 20.51 -6.40 -11.85
CA ASN A 165 20.34 -5.02 -11.43
C ASN A 165 19.38 -4.24 -12.34
N ASN A 166 18.57 -3.41 -11.72
CA ASN A 166 17.88 -2.33 -12.38
C ASN A 166 18.63 -1.06 -11.96
N PRO A 167 19.23 -0.32 -12.92
CA PRO A 167 18.90 -0.25 -14.35
C PRO A 167 19.90 -0.87 -15.33
N THR A 168 21.02 -1.42 -14.84
CA THR A 168 22.05 -1.89 -15.77
C THR A 168 21.81 -3.29 -16.37
N GLY A 169 21.07 -4.16 -15.68
CA GLY A 169 20.82 -5.52 -16.17
C GLY A 169 21.86 -6.56 -15.75
N ASN A 170 23.00 -6.15 -15.17
CA ASN A 170 24.08 -7.11 -14.74
C ASN A 170 23.59 -8.19 -13.79
N TYR A 171 24.02 -9.42 -14.03
CA TYR A 171 23.66 -10.49 -13.11
C TYR A 171 24.91 -10.96 -12.36
N ILE A 172 24.77 -11.21 -11.07
CA ILE A 172 25.89 -11.78 -10.29
C ILE A 172 25.64 -13.26 -10.09
N GLU A 173 26.62 -14.08 -10.48
CA GLU A 173 26.52 -15.54 -10.35
C GLU A 173 26.33 -15.95 -8.89
N LEU A 174 25.58 -17.04 -8.71
CA LEU A 174 25.28 -17.57 -7.40
C LEU A 174 26.52 -17.82 -6.52
N ALA A 175 27.58 -18.39 -7.08
CA ALA A 175 28.75 -18.68 -6.28
C ALA A 175 29.39 -17.40 -5.76
N ASP A 176 29.10 -16.29 -6.43
CA ASP A 176 29.58 -14.96 -6.03
C ASP A 176 28.73 -14.35 -4.92
N ILE A 177 27.41 -14.47 -5.08
CA ILE A 177 26.48 -14.12 -4.06
C ILE A 177 26.94 -14.76 -2.76
N GLN A 178 27.11 -16.08 -2.79
CA GLN A 178 27.45 -16.83 -1.58
C GLN A 178 28.75 -16.37 -0.93
N ALA A 179 29.77 -16.12 -1.75
CA ALA A 179 31.08 -15.68 -1.27
C ALA A 179 31.03 -14.33 -0.54
N PHE A 180 30.12 -13.47 -0.96
CA PHE A 180 29.83 -12.19 -0.33
C PHE A 180 29.07 -12.39 0.98
N LEU A 181 28.08 -13.26 0.95
CA LEU A 181 27.23 -13.52 2.10
C LEU A 181 28.00 -14.15 3.22
N ASP A 182 29.04 -14.91 2.87
CA ASP A 182 29.97 -15.47 3.84
C ASP A 182 30.73 -14.41 4.62
N ARG A 183 30.99 -13.26 3.99
CA ARG A 183 31.74 -12.20 4.63
C ARG A 183 30.87 -11.27 5.46
N VAL A 184 29.57 -11.23 5.16
CA VAL A 184 28.63 -10.30 5.78
C VAL A 184 28.28 -10.65 7.23
N PRO A 185 28.31 -9.66 8.15
CA PRO A 185 27.96 -10.03 9.52
C PRO A 185 26.54 -10.61 9.57
N SER A 186 26.37 -11.73 10.27
CA SER A 186 25.06 -12.41 10.36
C SER A 186 24.06 -11.53 11.11
N ASP A 187 24.50 -10.32 11.39
CA ASP A 187 23.79 -9.36 12.18
C ASP A 187 23.09 -8.35 11.29
N VAL A 188 23.53 -8.29 10.03
CA VAL A 188 23.04 -7.36 9.04
C VAL A 188 22.10 -8.11 8.10
N LEU A 189 20.88 -7.58 7.91
CA LEU A 189 19.96 -8.11 6.92
C LEU A 189 20.47 -7.81 5.49
N VAL A 190 20.64 -8.88 4.71
CA VAL A 190 20.90 -8.73 3.30
C VAL A 190 19.59 -8.91 2.54
N VAL A 191 19.20 -7.91 1.77
CA VAL A 191 18.03 -8.05 0.93
C VAL A 191 18.47 -8.32 -0.52
N LEU A 192 18.19 -9.52 -1.01
CA LEU A 192 18.50 -9.87 -2.40
C LEU A 192 17.24 -9.71 -3.28
N ASP A 193 17.17 -8.59 -4.01
CA ASP A 193 16.03 -8.25 -4.86
C ASP A 193 16.15 -8.93 -6.23
N GLU A 194 15.30 -9.93 -6.40
CA GLU A 194 15.36 -10.80 -7.55
C GLU A 194 14.13 -10.60 -8.40
N ALA A 195 13.71 -9.36 -8.54
CA ALA A 195 12.52 -9.02 -9.32
C ALA A 195 12.62 -9.47 -10.79
N TYR A 196 13.84 -9.56 -11.31
CA TYR A 196 14.07 -9.94 -12.71
C TYR A 196 14.63 -11.35 -12.89
N ILE A 197 14.74 -12.10 -11.80
CA ILE A 197 15.55 -13.34 -11.79
C ILE A 197 15.05 -14.40 -12.82
N GLU A 198 13.76 -14.38 -13.12
CA GLU A 198 13.17 -15.33 -14.07
C GLU A 198 13.57 -15.11 -15.54
N TYR A 199 14.25 -13.99 -15.84
CA TYR A 199 14.73 -13.75 -17.21
C TYR A 199 16.13 -14.26 -17.45
N VAL A 200 16.87 -14.58 -16.39
CA VAL A 200 18.26 -15.00 -16.53
C VAL A 200 18.44 -16.33 -17.28
N THR A 201 19.27 -16.32 -18.33
CA THR A 201 19.77 -17.57 -18.92
C THR A 201 21.29 -17.57 -19.01
N PRO A 202 21.91 -18.76 -18.89
CA PRO A 202 21.27 -20.02 -18.43
C PRO A 202 20.55 -19.80 -17.11
N GLN A 203 19.46 -20.52 -16.89
CA GLN A 203 18.76 -20.38 -15.61
C GLN A 203 19.66 -20.81 -14.46
N PRO A 204 19.64 -20.04 -13.37
CA PRO A 204 20.46 -20.31 -12.23
C PRO A 204 19.97 -21.53 -11.47
N GLU A 205 20.90 -22.26 -10.84
CA GLU A 205 20.55 -23.16 -9.75
C GLU A 205 19.46 -22.57 -8.87
N LYS A 206 18.60 -23.44 -8.35
CA LYS A 206 17.63 -23.05 -7.34
C LYS A 206 18.42 -22.63 -6.12
N HIS A 207 18.07 -21.49 -5.54
CA HIS A 207 18.78 -21.02 -4.34
C HIS A 207 17.84 -20.41 -3.31
N GLU A 208 16.56 -20.72 -3.40
CA GLU A 208 15.57 -20.23 -2.45
C GLU A 208 15.96 -20.69 -1.05
N LYS A 209 16.45 -21.91 -0.96
CA LYS A 209 16.83 -22.51 0.32
C LYS A 209 18.15 -21.99 0.92
N LEU A 210 18.79 -21.05 0.26
CA LEU A 210 19.89 -20.33 0.91
C LEU A 210 19.48 -19.59 2.20
N VAL A 211 18.22 -19.14 2.27
CA VAL A 211 17.71 -18.48 3.47
C VAL A 211 17.80 -19.37 4.72
N ARG A 212 17.88 -20.69 4.49
CA ARG A 212 18.12 -21.65 5.57
C ARG A 212 19.57 -21.66 6.01
N THR A 213 20.48 -21.28 5.11
CA THR A 213 21.90 -21.25 5.42
C THR A 213 22.28 -19.88 5.97
N TYR A 214 21.78 -18.84 5.32
CA TYR A 214 22.09 -17.50 5.72
C TYR A 214 20.82 -16.91 6.29
N LYS A 215 20.79 -16.84 7.61
CA LYS A 215 19.60 -16.50 8.38
C LYS A 215 19.36 -15.01 8.36
N ASN A 216 20.29 -14.26 7.77
CA ASN A 216 20.15 -12.84 7.61
C ASN A 216 19.84 -12.50 6.15
N LEU A 217 19.26 -13.45 5.42
CA LEU A 217 18.92 -13.25 4.03
C LEU A 217 17.40 -13.25 3.78
N ILE A 218 16.91 -12.24 3.08
CA ILE A 218 15.56 -12.27 2.56
C ILE A 218 15.66 -12.03 1.08
N ILE A 219 14.97 -12.88 0.32
CA ILE A 219 14.89 -12.76 -1.12
C ILE A 219 13.51 -12.27 -1.52
N THR A 220 13.46 -11.36 -2.49
CA THR A 220 12.21 -10.72 -2.79
C THR A 220 11.93 -10.93 -4.26
N ARG A 221 10.71 -11.37 -4.59
CA ARG A 221 10.29 -11.59 -5.97
C ARG A 221 8.89 -11.01 -6.13
N THR A 222 8.40 -11.00 -7.36
CA THR A 222 7.19 -10.30 -7.71
C THR A 222 6.46 -11.07 -8.81
N PHE A 223 5.20 -10.71 -9.02
CA PHE A 223 4.40 -11.15 -10.15
C PHE A 223 4.22 -10.05 -11.19
N SER A 224 4.83 -8.88 -10.92
CA SER A 224 4.72 -7.68 -11.80
C SER A 224 5.61 -7.64 -13.05
N LYS A 225 6.62 -8.51 -13.17
CA LYS A 225 7.49 -8.50 -14.38
C LYS A 225 7.13 -9.64 -15.30
N ILE A 226 7.92 -10.73 -15.27
CA ILE A 226 7.70 -11.84 -16.18
C ILE A 226 6.27 -12.40 -16.09
N TYR A 227 5.71 -12.49 -14.89
CA TYR A 227 4.35 -13.04 -14.74
C TYR A 227 3.29 -12.15 -15.34
N GLY A 228 3.64 -10.90 -15.62
CA GLY A 228 2.75 -9.96 -16.31
C GLY A 228 1.51 -9.53 -15.53
N LEU A 229 1.49 -9.73 -14.21
CA LEU A 229 0.27 -9.38 -13.50
C LEU A 229 0.16 -7.88 -13.27
N ALA A 230 -0.74 -7.27 -14.08
CA ALA A 230 -0.96 -5.80 -14.16
C ALA A 230 -2.21 -5.39 -13.36
N SER A 231 -3.26 -6.19 -13.50
CA SER A 231 -4.38 -6.17 -12.59
C SER A 231 -3.86 -6.20 -11.13
N ALA A 232 -3.30 -7.36 -10.73
CA ALA A 232 -2.84 -7.63 -9.37
C ALA A 232 -1.50 -7.03 -9.15
N ARG A 233 -1.25 -6.59 -7.92
CA ARG A 233 0.10 -6.23 -7.47
C ARG A 233 0.44 -7.21 -6.35
N VAL A 234 1.32 -8.15 -6.62
CA VAL A 234 1.64 -9.20 -5.65
C VAL A 234 3.13 -9.45 -5.57
N GLY A 235 3.68 -9.27 -4.37
CA GLY A 235 5.10 -9.47 -4.16
C GLY A 235 5.21 -10.42 -2.98
N TYR A 236 6.35 -11.05 -2.82
CA TYR A 236 6.58 -11.89 -1.68
C TYR A 236 8.06 -11.89 -1.38
N GLY A 237 8.38 -12.20 -0.14
CA GLY A 237 9.76 -12.42 0.27
C GLY A 237 9.92 -13.83 0.80
N ILE A 238 11.13 -14.35 0.61
CA ILE A 238 11.51 -15.64 1.11
C ILE A 238 12.59 -15.41 2.13
N ALA A 239 12.36 -15.84 3.37
CA ALA A 239 13.39 -15.77 4.41
C ALA A 239 13.17 -16.83 5.46
N ASP A 240 14.11 -16.96 6.38
CA ASP A 240 13.89 -17.89 7.45
C ASP A 240 12.78 -17.36 8.38
N LYS A 241 12.16 -18.28 9.09
CA LYS A 241 10.89 -18.09 9.82
C LYS A 241 10.90 -16.89 10.79
N GLU A 242 12.03 -16.71 11.46
CA GLU A 242 12.30 -15.59 12.34
C GLU A 242 12.10 -14.23 11.65
N ILE A 243 12.64 -14.08 10.45
CA ILE A 243 12.49 -12.82 9.75
C ILE A 243 11.01 -12.60 9.36
N ILE A 244 10.37 -13.65 8.85
CA ILE A 244 8.98 -13.59 8.45
C ILE A 244 8.06 -13.24 9.63
N ARG A 245 8.26 -13.95 10.75
CA ARG A 245 7.49 -13.76 11.96
C ARG A 245 7.50 -12.30 12.40
N GLN A 246 8.67 -11.68 12.30
CA GLN A 246 8.83 -10.28 12.67
C GLN A 246 8.13 -9.36 11.69
N LEU A 247 8.35 -9.59 10.40
CA LEU A 247 7.75 -8.80 9.34
C LEU A 247 6.23 -8.90 9.33
N ASN A 248 5.70 -9.99 9.87
CA ASN A 248 4.27 -10.19 9.88
C ASN A 248 3.58 -9.16 10.76
N ILE A 249 4.10 -8.98 11.98
CA ILE A 249 3.65 -7.97 12.93
C ILE A 249 3.36 -6.62 12.29
N VAL A 250 4.28 -6.12 11.47
CA VAL A 250 4.20 -4.78 10.90
C VAL A 250 3.46 -4.63 9.56
N ARG A 251 2.83 -5.68 9.04
CA ARG A 251 2.25 -5.58 7.70
C ARG A 251 0.90 -4.85 7.71
N PRO A 252 0.66 -3.99 6.69
CA PRO A 252 -0.58 -3.22 6.57
C PRO A 252 -1.82 -4.10 6.46
N PRO A 253 -2.99 -3.60 6.91
CA PRO A 253 -4.25 -4.35 6.82
C PRO A 253 -4.64 -4.60 5.36
N PHE A 254 -4.32 -3.64 4.50
CA PHE A 254 -4.46 -3.77 3.05
C PHE A 254 -3.40 -4.74 2.58
N ASN A 255 -3.78 -5.67 1.71
CA ASN A 255 -2.80 -6.57 1.11
C ASN A 255 -2.93 -6.79 -0.40
N THR A 256 -4.02 -7.43 -0.80
CA THR A 256 -4.27 -7.73 -2.22
C THR A 256 -5.63 -8.39 -2.43
N THR A 257 -6.19 -8.16 -3.62
CA THR A 257 -7.52 -8.63 -3.95
C THR A 257 -7.66 -10.14 -3.87
N SER A 258 -8.90 -10.56 -3.67
CA SER A 258 -9.32 -11.91 -3.94
C SER A 258 -8.85 -12.34 -5.33
N ILE A 259 -9.14 -11.55 -6.36
CA ILE A 259 -8.84 -11.96 -7.73
C ILE A 259 -7.36 -11.93 -8.01
N GLY A 260 -6.66 -10.95 -7.43
CA GLY A 260 -5.21 -10.85 -7.52
C GLY A 260 -4.51 -12.12 -7.05
N GLN A 261 -5.05 -12.72 -5.99
CA GLN A 261 -4.48 -13.93 -5.41
C GLN A 261 -4.80 -15.15 -6.26
N LYS A 262 -6.01 -15.16 -6.81
CA LYS A 262 -6.48 -16.17 -7.74
C LYS A 262 -5.57 -16.15 -8.96
N LEU A 263 -5.21 -14.94 -9.41
CA LEU A 263 -4.52 -14.76 -10.66
C LEU A 263 -3.10 -15.22 -10.50
N ALA A 264 -2.55 -14.99 -9.32
CA ALA A 264 -1.17 -15.35 -9.04
C ALA A 264 -1.05 -16.84 -8.81
N ILE A 265 -2.07 -17.48 -8.23
CA ILE A 265 -2.05 -18.93 -8.07
C ILE A 265 -1.86 -19.52 -9.47
N GLU A 266 -2.69 -19.08 -10.41
CA GLU A 266 -2.63 -19.53 -11.78
C GLU A 266 -1.34 -19.14 -12.49
N ALA A 267 -0.84 -17.92 -12.26
CA ALA A 267 0.30 -17.45 -13.03
C ALA A 267 1.50 -18.33 -12.79
N ILE A 268 1.72 -18.69 -11.52
CA ILE A 268 2.90 -19.44 -11.13
C ILE A 268 2.83 -20.91 -11.59
N LYS A 269 1.63 -21.45 -11.73
CA LYS A 269 1.49 -22.77 -12.29
C LYS A 269 1.78 -22.80 -13.79
N ASP A 270 1.76 -21.65 -14.46
CA ASP A 270 1.85 -21.63 -15.91
C ASP A 270 3.26 -21.34 -16.39
N GLN A 271 4.11 -22.35 -16.25
CA GLN A 271 5.52 -22.21 -16.51
C GLN A 271 5.88 -22.32 -17.99
N ALA A 272 4.98 -22.83 -18.82
CA ALA A 272 5.20 -22.79 -20.29
C ALA A 272 5.29 -21.37 -20.83
N PHE A 273 4.43 -20.49 -20.31
CA PHE A 273 4.43 -19.08 -20.68
C PHE A 273 5.76 -18.44 -20.25
N ILE A 274 6.21 -18.76 -19.05
CA ILE A 274 7.50 -18.28 -18.53
C ILE A 274 8.69 -18.72 -19.42
N GLY A 275 8.67 -19.97 -19.87
CA GLY A 275 9.68 -20.48 -20.76
C GLY A 275 9.66 -19.76 -22.08
N GLU A 276 8.49 -19.55 -22.67
CA GLU A 276 8.43 -18.88 -23.97
C GLU A 276 8.91 -17.44 -23.87
N CYS A 277 8.52 -16.75 -22.80
CA CYS A 277 8.93 -15.37 -22.58
C CYS A 277 10.43 -15.27 -22.38
N ARG A 278 10.97 -16.16 -21.57
CA ARG A 278 12.40 -16.14 -21.31
C ARG A 278 13.20 -16.26 -22.62
N THR A 279 12.83 -17.17 -23.49
CA THR A 279 13.59 -17.35 -24.71
C THR A 279 13.32 -16.20 -25.70
N SER A 280 12.06 -15.79 -25.77
CA SER A 280 11.70 -14.63 -26.59
C SER A 280 12.44 -13.38 -26.09
N ASN A 281 12.55 -13.24 -24.79
CA ASN A 281 13.27 -12.09 -24.25
C ASN A 281 14.76 -12.18 -24.59
N ALA A 282 15.32 -13.39 -24.45
CA ALA A 282 16.72 -13.66 -24.81
C ALA A 282 17.00 -13.35 -26.30
N ASN A 283 16.06 -13.66 -27.17
CA ASN A 283 16.18 -13.25 -28.56
C ASN A 283 16.17 -11.73 -28.76
N GLY A 284 15.39 -11.03 -27.95
CA GLY A 284 15.34 -9.54 -28.03
C GLY A 284 16.69 -8.91 -27.69
N ILE A 285 17.32 -9.45 -26.66
CA ILE A 285 18.61 -8.98 -26.19
C ILE A 285 19.71 -9.21 -27.24
N LYS A 286 19.69 -10.37 -27.88
CA LYS A 286 20.55 -10.70 -29.01
C LYS A 286 20.48 -9.62 -30.10
N GLN A 287 19.27 -9.15 -30.40
CA GLN A 287 19.06 -8.09 -31.38
C GLN A 287 19.81 -6.82 -30.97
N TYR A 288 19.61 -6.38 -29.73
CA TYR A 288 20.36 -5.22 -29.24
C TYR A 288 21.87 -5.46 -29.25
N GLU A 289 22.29 -6.69 -28.98
CA GLU A 289 23.71 -7.01 -29.05
C GLU A 289 24.23 -6.95 -30.48
N ALA A 290 23.44 -7.40 -31.45
CA ALA A 290 23.86 -7.25 -32.85
C ALA A 290 24.09 -5.77 -33.14
N PHE A 291 23.24 -4.93 -32.56
CA PHE A 291 23.29 -3.49 -32.75
C PHE A 291 24.53 -2.86 -32.12
N ALA A 292 24.82 -3.18 -30.85
CA ALA A 292 26.03 -2.64 -30.19
C ALA A 292 27.31 -3.06 -30.91
N LYS A 293 27.30 -4.26 -31.46
CA LYS A 293 28.45 -4.81 -32.19
C LYS A 293 28.76 -3.98 -33.42
N ARG A 294 27.72 -3.57 -34.15
CA ARG A 294 27.86 -2.64 -35.28
C ARG A 294 28.29 -1.21 -34.90
N PHE A 295 27.97 -0.74 -33.70
CA PHE A 295 28.27 0.64 -33.35
C PHE A 295 29.15 0.77 -32.11
N GLU A 296 30.44 0.96 -32.34
CA GLU A 296 31.46 1.03 -31.28
C GLU A 296 31.25 2.24 -30.37
N LYS A 297 30.43 3.16 -30.86
CA LYS A 297 30.06 4.35 -30.14
C LYS A 297 29.09 4.03 -29.00
N VAL A 298 28.24 3.02 -29.21
CA VAL A 298 27.24 2.64 -28.24
C VAL A 298 27.82 1.85 -27.07
N LYS A 299 27.30 2.11 -25.86
CA LYS A 299 27.60 1.32 -24.70
C LYS A 299 26.33 0.59 -24.24
N LEU A 300 26.28 -0.72 -24.52
CA LEU A 300 25.20 -1.60 -24.09
C LEU A 300 25.62 -2.40 -22.84
N TYR A 301 24.85 -2.29 -21.77
CA TYR A 301 25.15 -3.06 -20.54
C TYR A 301 24.74 -4.54 -20.62
N PRO A 302 25.48 -5.45 -19.92
CA PRO A 302 25.16 -6.89 -19.92
C PRO A 302 23.77 -7.14 -19.37
N ALA A 303 22.79 -7.36 -20.25
CA ALA A 303 21.39 -7.46 -19.85
C ALA A 303 20.96 -8.89 -19.51
N ASN A 304 20.38 -9.08 -18.33
CA ASN A 304 19.88 -10.38 -17.90
C ASN A 304 18.45 -10.34 -17.39
N GLY A 305 17.82 -9.18 -17.44
CA GLY A 305 16.41 -9.02 -17.16
C GLY A 305 15.79 -8.76 -18.52
N ASN A 306 14.65 -8.11 -18.56
CA ASN A 306 13.90 -7.89 -19.81
C ASN A 306 14.02 -6.44 -20.35
N PHE A 307 15.19 -5.82 -20.14
CA PHE A 307 15.43 -4.46 -20.61
C PHE A 307 16.89 -4.32 -21.01
N VAL A 308 17.19 -3.28 -21.77
CA VAL A 308 18.57 -2.97 -22.12
C VAL A 308 18.83 -1.57 -21.67
N LEU A 309 20.01 -1.33 -21.11
CA LEU A 309 20.45 0.03 -20.87
C LEU A 309 21.49 0.39 -21.92
N ILE A 310 21.14 1.37 -22.76
CA ILE A 310 21.96 1.74 -23.91
C ILE A 310 22.45 3.14 -23.74
N ASP A 311 23.76 3.28 -23.58
CA ASP A 311 24.35 4.61 -23.52
C ASP A 311 24.87 5.07 -24.88
N LEU A 312 24.18 6.05 -25.46
CA LEU A 312 24.48 6.57 -26.80
C LEU A 312 25.36 7.82 -26.82
N GLY A 313 25.83 8.29 -25.69
CA GLY A 313 26.61 9.54 -25.67
C GLY A 313 25.80 10.78 -26.01
N ILE A 314 24.47 10.67 -25.97
CA ILE A 314 23.57 11.78 -26.21
C ILE A 314 22.76 11.99 -24.94
N GLU A 315 22.34 13.22 -24.65
CA GLU A 315 21.57 13.42 -23.41
C GLU A 315 20.29 12.58 -23.34
N ALA A 316 20.12 11.92 -22.20
CA ALA A 316 18.95 11.09 -21.92
C ALA A 316 17.61 11.73 -22.38
N GLY A 317 17.44 13.01 -22.09
CA GLY A 317 16.21 13.74 -22.43
C GLY A 317 15.94 13.86 -23.93
N THR A 318 17.01 14.02 -24.70
CA THR A 318 16.92 14.02 -26.16
C THR A 318 16.56 12.62 -26.69
N ILE A 319 17.28 11.59 -26.25
CA ILE A 319 16.96 10.23 -26.70
C ILE A 319 15.48 9.90 -26.44
N PHE A 320 15.02 10.25 -25.24
CA PHE A 320 13.66 10.00 -24.81
C PHE A 320 12.67 10.72 -25.74
N SER A 321 12.93 11.99 -26.08
CA SER A 321 12.00 12.73 -26.91
C SER A 321 12.00 12.10 -28.28
N TYR A 322 13.19 11.88 -28.83
CA TYR A 322 13.34 11.34 -30.18
C TYR A 322 12.51 10.05 -30.34
N LEU A 323 12.67 9.12 -29.41
CA LEU A 323 11.93 7.86 -29.48
C LEU A 323 10.41 8.00 -29.31
N GLU A 324 9.99 8.93 -28.44
CA GLU A 324 8.61 9.15 -28.05
C GLU A 324 7.86 9.70 -29.22
N LYS A 325 8.48 10.69 -29.87
CA LYS A 325 7.91 11.32 -31.02
C LYS A 325 7.88 10.38 -32.22
N ASN A 326 8.60 9.27 -32.13
CA ASN A 326 8.55 8.21 -33.15
C ASN A 326 7.84 6.94 -32.68
N GLY A 327 6.97 7.09 -31.68
CA GLY A 327 6.04 6.03 -31.29
C GLY A 327 6.46 5.14 -30.15
N TYR A 328 7.60 5.42 -29.53
CA TYR A 328 8.16 4.52 -28.52
C TYR A 328 8.51 5.15 -27.18
N ILE A 329 7.71 4.90 -26.14
CA ILE A 329 7.99 5.44 -24.81
C ILE A 329 9.06 4.61 -24.12
N THR A 330 10.11 5.26 -23.65
CA THR A 330 11.19 4.54 -22.93
C THR A 330 11.42 5.25 -21.61
N ARG A 331 12.24 4.66 -20.76
CA ARG A 331 12.68 5.25 -19.52
C ARG A 331 13.99 6.01 -19.72
N SER A 332 13.96 7.31 -19.45
CA SER A 332 15.12 8.20 -19.55
C SER A 332 16.15 7.88 -18.49
N GLY A 333 17.41 7.84 -18.90
CA GLY A 333 18.48 7.53 -17.97
C GLY A 333 18.69 8.67 -17.00
N ALA A 334 18.13 9.84 -17.28
CA ALA A 334 18.28 10.95 -16.33
C ALA A 334 17.59 10.64 -14.97
N ALA A 335 16.47 9.91 -15.01
CA ALA A 335 15.80 9.47 -13.81
C ALA A 335 16.52 8.31 -13.15
N LEU A 336 17.41 7.65 -13.90
CA LEU A 336 17.99 6.41 -13.41
C LEU A 336 19.45 6.48 -13.08
N GLY A 337 20.06 7.68 -13.08
CA GLY A 337 21.49 7.83 -12.80
C GLY A 337 22.45 7.76 -13.99
N PHE A 338 21.93 7.71 -15.22
CA PHE A 338 22.78 7.71 -16.43
C PHE A 338 22.39 8.82 -17.40
N PRO A 339 23.04 10.00 -17.31
CA PRO A 339 22.56 11.20 -18.05
C PRO A 339 22.57 11.04 -19.56
N THR A 340 23.13 9.96 -20.03
CA THR A 340 23.34 9.82 -21.45
C THR A 340 22.79 8.48 -22.03
N ALA A 341 21.88 7.83 -21.28
CA ALA A 341 21.28 6.53 -21.69
C ALA A 341 19.75 6.48 -21.65
N VAL A 342 19.15 5.47 -22.28
CA VAL A 342 17.76 5.15 -22.07
C VAL A 342 17.74 3.67 -21.70
N ARG A 343 16.80 3.31 -20.83
CA ARG A 343 16.54 1.91 -20.51
C ARG A 343 15.31 1.56 -21.32
N ILE A 344 15.46 0.53 -22.15
CA ILE A 344 14.41 0.11 -23.06
C ILE A 344 13.97 -1.31 -22.73
N THR A 345 12.67 -1.49 -22.54
CA THR A 345 12.14 -2.81 -22.27
C THR A 345 12.15 -3.62 -23.54
N ILE A 346 12.55 -4.89 -23.45
CA ILE A 346 12.53 -5.84 -24.56
C ILE A 346 11.10 -6.26 -24.88
N GLY A 347 10.63 -5.96 -26.08
CA GLY A 347 9.29 -6.34 -26.49
C GLY A 347 9.28 -7.41 -27.58
N LYS A 348 8.26 -7.34 -28.42
CA LYS A 348 8.18 -8.17 -29.63
C LYS A 348 9.35 -7.87 -30.56
N GLU A 349 9.74 -8.89 -31.33
CA GLU A 349 10.89 -8.80 -32.25
C GLU A 349 10.85 -7.60 -33.21
N GLU A 350 9.67 -7.32 -33.78
CA GLU A 350 9.51 -6.21 -34.70
C GLU A 350 9.61 -4.87 -33.98
N ASP A 351 9.18 -4.83 -32.71
CA ASP A 351 9.28 -3.62 -31.93
C ASP A 351 10.72 -3.34 -31.60
N ASN A 352 11.46 -4.38 -31.21
CA ASN A 352 12.90 -4.22 -30.98
C ASN A 352 13.58 -3.73 -32.25
N SER A 353 13.21 -4.29 -33.41
CA SER A 353 13.76 -3.87 -34.69
C SER A 353 13.50 -2.42 -35.03
N ALA A 354 12.29 -1.95 -34.75
CA ALA A 354 11.91 -0.59 -35.08
C ALA A 354 12.71 0.41 -34.25
N VAL A 355 12.94 0.06 -32.99
CA VAL A 355 13.70 0.88 -32.03
C VAL A 355 15.21 1.00 -32.36
N ILE A 356 15.80 -0.14 -32.71
CA ILE A 356 17.20 -0.22 -33.17
C ILE A 356 17.38 0.63 -34.43
N ALA A 357 16.49 0.48 -35.40
CA ALA A 357 16.56 1.31 -36.60
C ALA A 357 16.48 2.83 -36.32
N LEU A 358 15.65 3.24 -35.36
CA LEU A 358 15.54 4.66 -35.01
C LEU A 358 16.81 5.12 -34.37
N LEU A 359 17.37 4.31 -33.46
CA LEU A 359 18.61 4.68 -32.75
C LEU A 359 19.78 4.86 -33.70
N GLU A 360 19.83 3.97 -34.69
CA GLU A 360 20.87 3.97 -35.71
C GLU A 360 20.94 5.28 -36.50
N LYS A 361 19.80 5.89 -36.78
CA LYS A 361 19.80 7.23 -37.40
C LYS A 361 20.40 8.37 -36.54
N LEU A 362 20.45 8.21 -35.21
CA LEU A 362 21.16 9.18 -34.36
C LEU A 362 22.66 8.96 -34.42
N LEU A 363 23.04 7.76 -34.86
CA LEU A 363 24.43 7.32 -34.86
C LEU A 363 25.10 7.65 -36.18
N ALA B 3 18.24 -12.32 15.41
CA ALA B 3 19.56 -11.66 15.62
C ALA B 3 19.64 -10.27 14.98
N LYS B 5 18.70 -6.34 13.93
CA LYS B 5 18.66 -5.15 14.78
C LYS B 5 17.36 -4.38 14.56
N TRP B 6 16.24 -5.04 14.86
CA TRP B 6 14.89 -4.46 14.76
C TRP B 6 14.68 -3.35 15.76
N LYS B 7 13.97 -2.31 15.35
CA LYS B 7 13.55 -1.26 16.25
C LYS B 7 12.99 -1.85 17.56
N LYS B 8 13.38 -1.25 18.68
CA LYS B 8 12.90 -1.71 19.97
C LYS B 8 11.43 -1.31 20.19
N SER B 9 11.01 -0.20 19.60
CA SER B 9 9.62 0.27 19.70
C SER B 9 8.67 -0.74 19.08
N LEU B 10 9.22 -1.69 18.34
CA LEU B 10 8.41 -2.72 17.70
C LEU B 10 7.71 -3.67 18.68
N ALA B 11 8.32 -3.91 19.84
CA ALA B 11 7.73 -4.85 20.81
C ALA B 11 6.33 -4.43 21.24
N GLY B 12 6.16 -3.11 21.43
CA GLY B 12 4.90 -2.52 21.87
C GLY B 12 3.67 -2.65 20.96
N LEU B 13 3.81 -3.29 19.80
CA LEU B 13 2.66 -3.44 18.90
C LEU B 13 2.08 -4.85 18.88
N SER B 14 2.96 -5.85 18.80
CA SER B 14 2.57 -7.26 18.67
C SER B 14 1.41 -7.50 17.69
N ARG B 21 -11.69 -16.80 4.51
CA ARG B 21 -11.79 -17.08 5.93
C ARG B 21 -13.25 -17.04 6.42
N GLU B 22 -14.14 -16.45 5.62
CA GLU B 22 -15.57 -16.36 5.95
C GLU B 22 -16.26 -17.71 5.72
N GLU B 23 -15.96 -18.32 4.56
CA GLU B 23 -16.42 -19.66 4.20
C GLU B 23 -15.85 -20.72 5.14
N GLU B 24 -14.67 -20.41 5.70
CA GLU B 24 -14.01 -21.20 6.74
C GLU B 24 -14.97 -21.52 7.91
N VAL B 25 -15.23 -20.51 8.74
CA VAL B 25 -16.05 -20.68 9.95
C VAL B 25 -17.45 -21.24 9.66
N ALA B 27 -18.50 -23.40 7.12
CA ALA B 27 -18.45 -24.84 6.87
C ALA B 27 -18.06 -25.61 8.14
N GLU B 28 -17.42 -24.89 9.08
CA GLU B 28 -17.03 -25.44 10.38
C GLU B 28 -18.18 -25.47 11.40
N LEU B 29 -19.30 -24.82 11.06
CA LEU B 29 -20.45 -24.71 11.96
C LEU B 29 -21.70 -25.33 11.37
N GLY B 30 -21.67 -25.66 10.08
CA GLY B 30 -22.83 -26.24 9.38
C GLY B 30 -23.97 -25.25 9.28
N LEU B 31 -23.63 -23.99 9.04
CA LEU B 31 -24.61 -22.91 8.89
C LEU B 31 -24.77 -22.57 7.41
N THR B 32 -25.98 -22.17 7.02
CA THR B 32 -26.24 -21.65 5.68
C THR B 32 -25.75 -20.18 5.63
N LYS B 33 -26.71 -19.26 5.55
CA LYS B 33 -26.39 -17.86 5.47
C LYS B 33 -25.65 -17.46 6.74
N ILE B 34 -24.47 -16.90 6.56
CA ILE B 34 -23.74 -16.27 7.64
C ILE B 34 -23.71 -14.79 7.30
N THR B 35 -24.01 -13.98 8.29
CA THR B 35 -24.09 -12.55 8.09
C THR B 35 -22.89 -11.91 8.74
N LYS B 36 -22.19 -11.07 7.97
CA LYS B 36 -20.95 -10.46 8.41
C LYS B 36 -21.27 -9.05 8.91
N LEU B 37 -20.97 -8.77 10.17
CA LEU B 37 -21.26 -7.45 10.70
C LEU B 37 -20.08 -6.97 11.55
N SER B 38 -18.87 -7.23 11.05
CA SER B 38 -17.62 -6.97 11.79
C SER B 38 -16.77 -5.80 11.24
N SER B 39 -16.91 -5.51 9.96
CA SER B 39 -16.19 -4.41 9.35
C SER B 39 -17.25 -3.38 8.99
N ASN B 40 -16.85 -2.11 8.95
CA ASN B 40 -17.83 -1.06 8.74
C ASN B 40 -17.96 -0.60 7.29
N GLU B 41 -17.81 -1.56 6.39
CA GLU B 41 -18.17 -1.35 5.02
C GLU B 41 -19.70 -1.29 4.98
N ASN B 42 -20.24 -0.38 4.18
CA ASN B 42 -21.66 -0.23 4.02
C ASN B 42 -22.32 -1.59 3.74
N PRO B 43 -23.19 -2.07 4.65
CA PRO B 43 -23.85 -3.36 4.51
C PRO B 43 -24.84 -3.37 3.37
N LEU B 44 -25.31 -2.19 2.98
CA LEU B 44 -26.25 -2.09 1.85
C LEU B 44 -25.56 -2.07 0.48
N GLY B 45 -24.23 -2.01 0.47
CA GLY B 45 -23.49 -2.07 -0.79
C GLY B 45 -23.24 -0.68 -1.31
N THR B 46 -23.39 -0.51 -2.63
CA THR B 46 -23.16 0.77 -3.30
C THR B 46 -24.45 1.28 -3.98
N SER B 47 -24.41 2.49 -4.52
CA SER B 47 -25.39 2.96 -5.51
C SER B 47 -25.62 1.91 -6.57
N LYS B 48 -26.81 1.91 -7.16
CA LYS B 48 -27.11 1.14 -8.38
C LYS B 48 -26.26 1.63 -9.52
N LYS B 49 -26.03 2.94 -9.59
CA LYS B 49 -25.19 3.51 -10.65
C LYS B 49 -23.73 3.04 -10.51
N VAL B 50 -23.22 3.01 -9.29
CA VAL B 50 -21.88 2.49 -9.02
C VAL B 50 -21.82 0.98 -9.29
N ALA B 51 -22.86 0.24 -8.89
CA ALA B 51 -22.95 -1.19 -9.19
C ALA B 51 -22.89 -1.51 -10.70
N ALA B 52 -23.55 -0.69 -11.53
CA ALA B 52 -23.56 -0.85 -12.98
C ALA B 52 -22.18 -0.69 -13.60
N ILE B 53 -21.35 0.16 -13.02
CA ILE B 53 -19.96 0.32 -13.46
C ILE B 53 -19.13 -0.93 -13.13
N GLN B 54 -19.22 -1.43 -11.90
CA GLN B 54 -18.56 -2.68 -11.54
C GLN B 54 -18.93 -3.83 -12.51
N ALA B 55 -20.21 -4.12 -12.66
CA ALA B 55 -20.66 -5.18 -13.55
C ALA B 55 -20.25 -4.95 -15.01
N ASN B 56 -19.86 -3.72 -15.33
CA ASN B 56 -19.49 -3.32 -16.70
C ASN B 56 -17.99 -3.38 -16.98
N SER B 57 -17.22 -3.79 -15.98
CA SER B 57 -15.79 -3.75 -16.12
C SER B 57 -15.17 -5.11 -15.90
N SER B 58 -14.21 -5.43 -16.74
CA SER B 58 -13.42 -6.65 -16.60
C SER B 58 -12.06 -6.31 -15.99
N VAL B 59 -11.66 -7.12 -15.01
CA VAL B 59 -10.33 -6.99 -14.40
C VAL B 59 -9.28 -7.47 -15.41
N GLU B 60 -9.57 -7.26 -16.69
CA GLU B 60 -8.76 -7.69 -17.81
C GLU B 60 -8.28 -6.46 -18.59
N THR B 61 -8.81 -5.30 -18.23
CA THR B 61 -8.39 -4.00 -18.79
C THR B 61 -7.86 -3.12 -17.66
N GLU B 62 -8.01 -3.60 -16.43
CA GLU B 62 -7.65 -2.86 -15.23
C GLU B 62 -6.14 -2.57 -15.08
N ILE B 63 -5.81 -1.39 -14.58
CA ILE B 63 -4.44 -0.87 -14.47
C ILE B 63 -4.32 0.24 -13.39
N TYR B 64 -3.09 0.49 -12.89
CA TYR B 64 -2.81 1.61 -11.98
C TYR B 64 -2.26 2.79 -12.78
N PRO B 65 -3.09 3.84 -13.02
CA PRO B 65 -2.72 4.96 -13.90
C PRO B 65 -1.37 5.63 -13.58
N ALA B 69 -5.80 10.88 -11.08
CA ALA B 69 -6.80 11.25 -12.09
C ALA B 69 -7.25 12.69 -11.90
N SER B 70 -7.10 13.49 -12.95
CA SER B 70 -7.71 14.81 -13.02
C SER B 70 -9.21 14.66 -12.73
N SER B 71 -9.85 13.72 -13.44
CA SER B 71 -11.27 13.40 -13.29
C SER B 71 -11.71 13.38 -11.83
N LEU B 72 -11.01 12.59 -11.00
CA LEU B 72 -11.40 12.36 -9.62
C LEU B 72 -11.00 13.53 -8.71
N ARG B 73 -9.83 14.11 -8.94
CA ARG B 73 -9.42 15.29 -8.19
C ARG B 73 -10.45 16.39 -8.37
N LYS B 74 -10.86 16.57 -9.62
CA LYS B 74 -11.69 17.69 -10.04
C LYS B 74 -13.08 17.49 -9.50
N GLU B 75 -13.60 16.29 -9.70
CA GLU B 75 -14.90 15.88 -9.22
C GLU B 75 -15.03 16.08 -7.71
N VAL B 76 -14.02 15.65 -6.95
CA VAL B 76 -14.04 15.76 -5.50
C VAL B 76 -13.87 17.21 -5.04
N ALA B 77 -13.06 17.99 -5.76
CA ALA B 77 -12.83 19.37 -5.39
C ALA B 77 -14.08 20.18 -5.68
N ASP B 78 -14.68 19.92 -6.82
CA ASP B 78 -15.97 20.52 -7.13
C ASP B 78 -17.08 20.15 -6.15
N PHE B 79 -17.06 18.93 -5.60
CA PHE B 79 -18.09 18.52 -4.66
C PHE B 79 -17.99 19.30 -3.34
N TYR B 80 -16.77 19.48 -2.83
CA TYR B 80 -16.56 20.26 -1.62
C TYR B 80 -16.21 21.75 -1.82
N GLN B 81 -16.42 22.28 -3.02
CA GLN B 81 -16.05 23.69 -3.37
C GLN B 81 -14.64 24.08 -2.91
N LEU B 82 -13.67 23.22 -3.20
CA LEU B 82 -12.29 23.40 -2.77
C LEU B 82 -11.36 23.51 -3.97
N GLU B 83 -10.09 23.86 -3.74
CA GLU B 83 -9.07 23.86 -4.79
C GLU B 83 -8.47 22.46 -4.86
N GLU B 84 -8.17 21.99 -6.06
CA GLU B 84 -7.54 20.69 -6.27
C GLU B 84 -6.21 20.59 -5.54
N GLU B 85 -5.57 21.74 -5.37
CA GLU B 85 -4.33 21.84 -4.62
C GLU B 85 -4.50 21.46 -3.15
N GLU B 86 -5.75 21.44 -2.66
CA GLU B 86 -5.99 21.10 -1.25
C GLU B 86 -6.31 19.63 -1.02
N LEU B 87 -6.14 18.79 -2.04
CA LEU B 87 -6.51 17.38 -1.95
C LEU B 87 -5.32 16.48 -2.18
N ILE B 88 -5.23 15.41 -1.41
CA ILE B 88 -4.30 14.35 -1.73
C ILE B 88 -5.06 13.03 -1.67
N PHE B 89 -4.78 12.18 -2.65
CA PHE B 89 -5.42 10.87 -2.76
C PHE B 89 -4.47 9.76 -2.47
N THR B 90 -5.03 8.69 -1.94
CA THR B 90 -4.26 7.68 -1.28
C THR B 90 -5.06 6.39 -1.38
N ALA B 91 -4.39 5.26 -1.22
CA ALA B 91 -5.05 4.00 -1.45
C ALA B 91 -5.63 3.53 -0.15
N GLY B 92 -6.76 4.12 0.23
CA GLY B 92 -7.34 3.94 1.55
C GLY B 92 -6.76 4.94 2.53
N VAL B 93 -7.52 5.25 3.57
CA VAL B 93 -7.07 6.13 4.62
C VAL B 93 -5.99 5.50 5.52
N ASP B 94 -5.91 4.18 5.55
CA ASP B 94 -4.85 3.55 6.31
C ASP B 94 -3.49 4.04 5.75
N GLU B 95 -3.40 4.13 4.43
CA GLU B 95 -2.18 4.53 3.73
C GLU B 95 -1.79 5.98 4.07
N LEU B 96 -2.79 6.84 4.16
CA LEU B 96 -2.59 8.23 4.57
C LEU B 96 -2.05 8.32 6.00
N ILE B 97 -2.60 7.49 6.89
CA ILE B 97 -2.13 7.42 8.26
C ILE B 97 -0.64 7.06 8.31
N GLU B 98 -0.26 6.03 7.54
CA GLU B 98 1.15 5.62 7.34
C GLU B 98 2.02 6.77 6.88
N LEU B 99 1.56 7.50 5.88
CA LEU B 99 2.34 8.57 5.29
C LEU B 99 2.58 9.69 6.31
N LEU B 100 1.50 10.10 6.96
CA LEU B 100 1.55 11.10 8.02
C LEU B 100 2.63 10.80 9.02
N THR B 101 2.77 9.51 9.41
CA THR B 101 3.70 9.18 10.47
C THR B 101 5.13 9.14 9.97
N ARG B 102 5.30 8.89 8.68
CA ARG B 102 6.64 8.78 8.13
C ARG B 102 7.27 10.13 7.87
N VAL B 103 6.44 11.14 7.72
CA VAL B 103 6.90 12.48 7.42
C VAL B 103 7.15 13.31 8.71
N LEU B 104 6.57 12.88 9.83
CA LEU B 104 6.50 13.75 11.02
C LEU B 104 6.91 13.12 12.34
N LEU B 105 6.92 11.80 12.40
CA LEU B 105 7.18 11.15 13.67
C LEU B 105 8.52 10.50 13.65
N ASP B 106 9.18 10.44 14.81
CA ASP B 106 10.43 9.68 14.99
C ASP B 106 10.82 9.54 16.46
N THR B 107 12.01 9.01 16.67
CA THR B 107 12.67 8.86 17.98
C THR B 107 12.62 10.12 18.85
N THR B 108 12.84 11.28 18.25
CA THR B 108 12.88 12.52 19.01
C THR B 108 11.50 13.20 19.13
N THR B 109 10.42 12.52 18.76
CA THR B 109 9.09 13.14 18.79
C THR B 109 8.02 12.36 19.59
N ASN B 110 6.93 13.03 19.95
CA ASN B 110 5.79 12.34 20.51
C ASN B 110 4.52 12.69 19.72
N THR B 111 3.47 11.92 19.96
CA THR B 111 2.20 12.07 19.31
C THR B 111 1.09 11.82 20.35
N VAL B 112 -0.04 12.52 20.20
CA VAL B 112 -1.11 12.50 21.21
C VAL B 112 -2.35 11.93 20.56
N ALA B 114 -6.28 9.44 21.71
CA ALA B 114 -7.09 8.77 22.74
C ALA B 114 -6.83 7.25 22.84
N THR B 115 -7.19 6.62 23.97
CA THR B 115 -7.39 5.15 24.04
C THR B 115 -8.74 4.93 24.67
N PRO B 116 -9.54 4.01 24.14
CA PRO B 116 -9.30 3.28 22.89
C PRO B 116 -9.81 4.03 21.67
N THR B 117 -8.97 4.08 20.64
CA THR B 117 -9.34 4.66 19.35
C THR B 117 -8.81 3.71 18.26
N PHE B 118 -8.99 4.07 16.98
CA PHE B 118 -8.52 3.25 15.83
C PHE B 118 -7.04 2.88 16.02
N VAL B 119 -6.74 1.58 16.00
CA VAL B 119 -5.40 1.08 16.35
C VAL B 119 -4.28 1.53 15.40
N GLN B 120 -4.65 1.97 14.21
CA GLN B 120 -3.65 2.31 13.20
C GLN B 120 -2.77 3.53 13.53
N TYR B 121 -3.27 4.47 14.34
CA TYR B 121 -2.45 5.59 14.78
C TYR B 121 -1.29 5.08 15.64
N ARG B 122 -1.58 4.39 16.74
CA ARG B 122 -0.51 3.92 17.63
C ARG B 122 0.42 2.95 16.93
N GLN B 123 -0.15 2.09 16.09
CA GLN B 123 0.68 1.17 15.36
C GLN B 123 1.71 1.86 14.48
N ASN B 124 1.27 2.79 13.64
CA ASN B 124 2.24 3.53 12.83
C ASN B 124 3.16 4.43 13.65
N ALA B 125 2.65 5.05 14.71
CA ALA B 125 3.47 5.91 15.58
C ALA B 125 4.59 5.11 16.22
N LEU B 126 4.26 3.93 16.75
CA LEU B 126 5.25 3.01 17.32
C LEU B 126 6.26 2.49 16.29
N ILE B 127 5.82 2.21 15.07
CA ILE B 127 6.74 1.71 14.07
C ILE B 127 7.80 2.78 13.73
N GLU B 128 7.40 4.06 13.70
CA GLU B 128 8.34 5.18 13.50
C GLU B 128 9.20 5.50 14.73
N GLY B 129 8.92 4.88 15.87
CA GLY B 129 9.77 5.03 17.05
C GLY B 129 9.42 6.23 17.90
N ALA B 130 8.26 6.82 17.63
CA ALA B 130 7.72 7.93 18.38
C ALA B 130 7.27 7.52 19.78
N GLU B 131 7.27 8.48 20.71
CA GLU B 131 6.57 8.31 21.98
C GLU B 131 5.06 8.53 21.76
N VAL B 132 4.26 7.60 22.28
CA VAL B 132 2.82 7.70 22.13
C VAL B 132 2.24 8.13 23.49
N ARG B 133 1.54 9.25 23.51
CA ARG B 133 0.82 9.68 24.72
C ARG B 133 -0.67 9.45 24.48
N GLU B 134 -1.24 8.52 25.24
CA GLU B 134 -2.60 8.09 24.98
C GLU B 134 -3.47 8.54 26.11
N ILE B 135 -4.52 9.29 25.77
CA ILE B 135 -5.36 9.88 26.79
C ILE B 135 -6.65 9.08 26.84
N PRO B 136 -6.96 8.47 28.00
CA PRO B 136 -8.16 7.63 28.08
C PRO B 136 -9.41 8.44 27.87
N LEU B 137 -10.36 7.87 27.16
CA LEU B 137 -11.68 8.50 26.93
C LEU B 137 -12.34 8.92 28.24
N LEU B 138 -13.27 9.87 28.16
CA LEU B 138 -14.16 10.14 29.27
C LEU B 138 -15.08 8.94 29.42
N GLN B 139 -15.77 8.83 30.55
CA GLN B 139 -16.48 7.59 30.91
C GLN B 139 -17.66 7.33 29.99
N ASP B 140 -18.15 8.41 29.40
CA ASP B 140 -19.19 8.36 28.38
C ASP B 140 -18.64 7.99 27.00
N GLY B 141 -17.34 7.75 26.90
CA GLY B 141 -16.67 7.42 25.61
C GLY B 141 -16.11 8.56 24.73
N GLU B 142 -16.19 9.81 25.23
CA GLU B 142 -15.69 10.99 24.50
C GLU B 142 -14.18 11.15 24.57
N HIS B 143 -13.59 11.68 23.50
CA HIS B 143 -12.20 12.17 23.57
C HIS B 143 -12.08 13.20 24.70
N ASP B 144 -11.06 13.05 25.53
CA ASP B 144 -10.78 14.01 26.56
C ASP B 144 -9.90 15.06 25.92
N LEU B 145 -10.56 15.99 25.22
CA LEU B 145 -9.91 17.08 24.49
C LEU B 145 -8.99 17.93 25.40
N GLU B 146 -9.44 18.15 26.63
CA GLU B 146 -8.69 18.85 27.68
C GLU B 146 -7.37 18.14 28.05
N GLY B 147 -7.46 16.87 28.41
CA GLY B 147 -6.26 16.10 28.70
C GLY B 147 -5.33 16.00 27.50
N LEU B 149 -5.05 18.28 25.02
CA LEU B 149 -4.36 19.60 24.91
C LEU B 149 -3.23 19.74 25.91
N ASN B 150 -3.44 19.25 27.13
CA ASN B 150 -2.40 19.29 28.15
C ASN B 150 -1.18 18.44 27.82
N ALA B 151 -1.39 17.32 27.11
CA ALA B 151 -0.29 16.44 26.73
C ALA B 151 0.61 17.04 25.63
N ILE B 152 0.16 18.11 24.96
CA ILE B 152 0.88 18.68 23.81
C ILE B 152 2.14 19.44 24.21
N ASP B 153 3.19 19.24 23.42
CA ASP B 153 4.57 19.59 23.77
C ASP B 153 5.29 20.26 22.61
N GLU B 154 6.49 20.78 22.88
CA GLU B 154 7.39 21.22 21.80
C GLU B 154 7.90 20.07 20.94
N LYS B 155 7.92 18.87 21.50
CA LYS B 155 8.22 17.67 20.74
C LYS B 155 6.98 16.99 20.11
N THR B 156 5.77 17.47 20.42
CA THR B 156 4.58 16.89 19.81
C THR B 156 4.44 17.33 18.36
N THR B 157 4.33 16.37 17.45
CA THR B 157 4.23 16.71 16.03
C THR B 157 2.86 16.47 15.42
N ILE B 158 2.06 15.62 16.07
CA ILE B 158 0.77 15.18 15.56
C ILE B 158 -0.17 14.93 16.71
N VAL B 159 -1.40 15.46 16.60
CA VAL B 159 -2.50 15.07 17.48
C VAL B 159 -3.55 14.42 16.60
N TRP B 160 -4.09 13.29 17.05
CA TRP B 160 -5.08 12.56 16.24
C TRP B 160 -6.45 12.63 16.90
N ILE B 161 -7.45 13.06 16.13
CA ILE B 161 -8.84 13.05 16.60
C ILE B 161 -9.63 12.19 15.66
N CYS B 162 -10.21 11.11 16.18
CA CYS B 162 -11.11 10.25 15.40
C CYS B 162 -12.56 10.70 15.60
N ASN B 163 -13.20 11.23 14.56
CA ASN B 163 -14.51 11.85 14.77
C ASN B 163 -15.50 11.66 13.64
N PRO B 164 -16.47 10.77 13.82
CA PRO B 164 -16.87 9.98 14.98
C PRO B 164 -15.79 8.97 15.39
N ASN B 165 -15.77 8.61 16.68
CA ASN B 165 -14.78 7.68 17.18
C ASN B 165 -15.06 6.22 16.83
N ASN B 166 -14.00 5.51 16.50
CA ASN B 166 -14.03 4.10 16.35
C ASN B 166 -13.09 3.61 17.45
N PRO B 167 -13.60 2.81 18.42
CA PRO B 167 -14.80 2.00 18.30
C PRO B 167 -16.08 2.47 19.00
N THR B 168 -16.03 3.58 19.73
CA THR B 168 -17.19 3.96 20.57
C THR B 168 -18.38 4.63 19.82
N GLY B 169 -18.10 5.26 18.68
CA GLY B 169 -19.14 5.98 17.93
C GLY B 169 -19.31 7.45 18.30
N ASN B 170 -18.70 7.91 19.41
CA ASN B 170 -18.95 9.29 19.87
C ASN B 170 -18.53 10.34 18.87
N TYR B 171 -19.30 11.41 18.82
CA TYR B 171 -19.11 12.50 17.92
C TYR B 171 -18.92 13.81 18.68
N ILE B 172 -17.94 14.58 18.27
CA ILE B 172 -17.61 15.86 18.88
C ILE B 172 -18.17 16.92 17.94
N GLU B 173 -18.96 17.84 18.48
CA GLU B 173 -19.58 18.89 17.68
C GLU B 173 -18.50 19.82 17.12
N LEU B 174 -18.74 20.40 15.95
CA LEU B 174 -17.82 21.31 15.31
C LEU B 174 -17.33 22.40 16.26
N ALA B 175 -18.26 23.00 17.03
CA ALA B 175 -17.87 24.07 17.94
C ALA B 175 -16.81 23.60 18.93
N ASP B 176 -16.86 22.34 19.32
CA ASP B 176 -15.85 21.83 20.23
C ASP B 176 -14.55 21.46 19.49
N ILE B 177 -14.65 21.07 18.21
CA ILE B 177 -13.47 20.90 17.35
C ILE B 177 -12.76 22.24 17.14
N GLN B 178 -13.52 23.27 16.77
CA GLN B 178 -12.96 24.61 16.60
C GLN B 178 -12.30 25.16 17.87
N ALA B 179 -12.97 25.00 19.02
CA ALA B 179 -12.38 25.44 20.31
C ALA B 179 -11.03 24.78 20.57
N PHE B 180 -10.93 23.50 20.21
CA PHE B 180 -9.71 22.72 20.39
C PHE B 180 -8.60 23.22 19.47
N LEU B 181 -8.96 23.48 18.21
CA LEU B 181 -8.00 23.94 17.21
C LEU B 181 -7.44 25.33 17.50
N ASP B 182 -8.25 26.19 18.11
CA ASP B 182 -7.82 27.52 18.55
C ASP B 182 -6.67 27.40 19.52
N ARG B 183 -6.80 26.50 20.49
CA ARG B 183 -5.77 26.35 21.52
C ARG B 183 -4.52 25.53 21.12
N VAL B 184 -4.64 24.67 20.12
CA VAL B 184 -3.49 23.85 19.73
C VAL B 184 -2.43 24.76 19.10
N PRO B 185 -1.14 24.57 19.43
CA PRO B 185 -0.09 25.31 18.73
C PRO B 185 -0.11 25.05 17.23
N SER B 186 0.19 26.09 16.45
CA SER B 186 0.06 26.03 15.01
C SER B 186 1.17 25.31 14.29
N ASP B 187 2.21 24.89 14.99
CA ASP B 187 3.15 24.00 14.33
C ASP B 187 2.95 22.51 14.65
N VAL B 188 1.77 22.17 15.17
CA VAL B 188 1.41 20.80 15.49
C VAL B 188 0.30 20.42 14.56
N LEU B 189 0.53 19.37 13.79
CA LEU B 189 -0.47 18.84 12.87
C LEU B 189 -1.61 18.20 13.64
N VAL B 190 -2.84 18.55 13.29
CA VAL B 190 -3.99 17.88 13.87
C VAL B 190 -4.68 17.09 12.76
N VAL B 191 -4.68 15.75 12.88
CA VAL B 191 -5.40 14.90 11.95
C VAL B 191 -6.79 14.63 12.44
N LEU B 192 -7.76 15.13 11.67
CA LEU B 192 -9.16 14.94 11.96
C LEU B 192 -9.63 13.79 11.09
N ASP B 193 -9.70 12.61 11.66
CA ASP B 193 -10.11 11.39 10.94
C ASP B 193 -11.62 11.30 10.84
N GLU B 194 -12.13 11.62 9.66
CA GLU B 194 -13.57 11.63 9.48
C GLU B 194 -14.10 10.44 8.67
N ALA B 195 -13.47 9.26 8.83
CA ALA B 195 -13.92 8.05 8.12
C ALA B 195 -15.44 7.82 8.16
N TYR B 196 -16.10 8.23 9.26
CA TYR B 196 -17.54 7.97 9.49
C TYR B 196 -18.49 9.15 9.35
N ILE B 197 -17.98 10.30 8.89
CA ILE B 197 -18.67 11.57 9.08
C ILE B 197 -20.01 11.60 8.36
N GLU B 198 -20.11 10.89 7.24
CA GLU B 198 -21.31 10.90 6.42
C GLU B 198 -22.50 10.24 7.13
N TYR B 199 -22.21 9.52 8.19
CA TYR B 199 -23.25 8.86 8.95
C TYR B 199 -23.90 9.72 10.06
N VAL B 200 -23.36 10.91 10.32
CA VAL B 200 -23.84 11.69 11.47
C VAL B 200 -25.16 12.38 11.16
N THR B 201 -26.05 12.36 12.14
CA THR B 201 -27.38 12.92 12.05
C THR B 201 -27.71 13.74 13.31
N PRO B 202 -28.21 14.99 13.12
CA PRO B 202 -28.26 15.62 11.81
C PRO B 202 -26.84 15.84 11.25
N GLN B 203 -26.71 16.01 9.94
CA GLN B 203 -25.41 16.27 9.33
C GLN B 203 -24.81 17.55 9.86
N PRO B 204 -23.51 17.53 10.17
CA PRO B 204 -22.76 18.72 10.56
C PRO B 204 -22.78 19.71 9.40
N GLU B 205 -22.42 20.96 9.67
CA GLU B 205 -22.26 21.91 8.58
C GLU B 205 -20.93 21.69 7.89
N LYS B 206 -20.88 22.09 6.62
CA LYS B 206 -19.69 21.98 5.80
C LYS B 206 -18.56 22.61 6.58
N HIS B 207 -17.48 21.87 6.79
CA HIS B 207 -16.29 22.40 7.44
C HIS B 207 -15.01 21.90 6.77
N GLU B 208 -15.09 21.53 5.49
CA GLU B 208 -13.87 21.32 4.72
C GLU B 208 -13.01 22.59 4.72
N LYS B 209 -13.63 23.75 4.61
CA LYS B 209 -12.86 24.99 4.54
C LYS B 209 -12.06 25.30 5.80
N LEU B 210 -12.49 24.80 6.95
CA LEU B 210 -11.66 24.86 8.17
C LEU B 210 -10.14 24.79 7.93
N VAL B 211 -9.71 24.00 6.95
CA VAL B 211 -8.28 23.88 6.62
C VAL B 211 -7.61 25.20 6.19
N ARG B 212 -8.41 26.17 5.76
CA ARG B 212 -7.90 27.49 5.40
C ARG B 212 -7.67 28.34 6.63
N THR B 213 -8.59 28.25 7.59
CA THR B 213 -8.44 28.89 8.88
C THR B 213 -7.26 28.26 9.62
N TYR B 214 -7.27 26.94 9.79
CA TYR B 214 -6.17 26.32 10.51
C TYR B 214 -5.25 25.60 9.54
N LYS B 215 -4.10 26.22 9.29
CA LYS B 215 -3.10 25.73 8.34
C LYS B 215 -2.34 24.54 8.90
N ASN B 216 -2.78 24.02 10.03
CA ASN B 216 -2.14 22.85 10.65
C ASN B 216 -3.11 21.69 10.72
N LEU B 217 -4.18 21.78 9.96
CA LEU B 217 -5.24 20.76 9.99
C LEU B 217 -5.29 19.93 8.70
N ILE B 218 -5.36 18.61 8.88
CA ILE B 218 -5.76 17.72 7.80
C ILE B 218 -6.98 16.85 8.21
N ILE B 219 -7.95 16.77 7.28
CA ILE B 219 -9.15 16.00 7.42
C ILE B 219 -9.00 14.79 6.49
N THR B 220 -9.21 13.61 7.03
CA THR B 220 -9.08 12.38 6.25
C THR B 220 -10.46 11.82 6.02
N ARG B 221 -10.70 11.35 4.81
CA ARG B 221 -11.98 10.74 4.46
C ARG B 221 -11.74 9.59 3.52
N THR B 222 -12.75 8.73 3.38
CA THR B 222 -12.60 7.51 2.59
C THR B 222 -13.87 7.13 1.82
N PHE B 223 -13.70 6.31 0.79
CA PHE B 223 -14.85 5.72 0.10
C PHE B 223 -15.19 4.32 0.60
N SER B 224 -14.49 3.86 1.63
CA SER B 224 -14.64 2.50 2.14
C SER B 224 -15.78 2.21 3.12
N LYS B 225 -16.33 3.25 3.76
CA LYS B 225 -17.49 3.08 4.65
C LYS B 225 -18.80 3.32 3.91
N ILE B 226 -19.42 4.49 4.07
CA ILE B 226 -20.76 4.75 3.51
C ILE B 226 -20.85 4.56 1.99
N TYR B 227 -19.79 4.91 1.27
CA TYR B 227 -19.79 4.83 -0.18
C TYR B 227 -19.79 3.41 -0.69
N GLY B 228 -19.38 2.48 0.16
CA GLY B 228 -19.40 1.05 -0.15
C GLY B 228 -18.38 0.62 -1.18
N LEU B 229 -17.20 1.23 -1.17
CA LEU B 229 -16.16 0.85 -2.11
C LEU B 229 -14.90 0.54 -1.38
N ALA B 230 -14.97 -0.37 -0.41
CA ALA B 230 -13.77 -0.84 0.27
C ALA B 230 -12.95 -1.71 -0.70
N SER B 231 -13.67 -2.38 -1.63
CA SER B 231 -13.08 -3.07 -2.78
C SER B 231 -11.88 -2.31 -3.37
N ALA B 232 -12.11 -1.53 -4.45
CA ALA B 232 -11.23 -0.43 -4.86
C ALA B 232 -10.98 0.42 -3.63
N ARG B 233 -9.76 0.91 -3.43
CA ARG B 233 -9.38 1.52 -2.15
C ARG B 233 -8.96 2.97 -2.34
N VAL B 234 -9.88 3.89 -2.03
CA VAL B 234 -9.68 5.31 -2.26
C VAL B 234 -9.88 6.06 -0.96
N GLY B 235 -8.83 6.68 -0.45
CA GLY B 235 -9.01 7.60 0.69
C GLY B 235 -8.40 8.91 0.26
N TYR B 236 -8.70 9.98 1.01
CA TYR B 236 -8.19 11.30 0.62
C TYR B 236 -8.03 12.25 1.81
N GLY B 237 -7.11 13.20 1.66
CA GLY B 237 -6.81 14.15 2.73
C GLY B 237 -7.09 15.55 2.25
N ILE B 238 -7.70 16.36 3.12
CA ILE B 238 -8.02 17.76 2.83
C ILE B 238 -7.18 18.63 3.75
N ALA B 239 -6.37 19.49 3.17
CA ALA B 239 -5.44 20.27 3.98
C ALA B 239 -4.96 21.41 3.14
N ASP B 240 -4.39 22.44 3.76
CA ASP B 240 -3.87 23.58 3.00
C ASP B 240 -2.67 23.15 2.14
N LYS B 241 -2.38 23.96 1.12
CA LYS B 241 -1.41 23.61 0.09
C LYS B 241 -0.06 23.17 0.64
N GLU B 242 0.44 23.87 1.65
CA GLU B 242 1.77 23.58 2.16
C GLU B 242 1.88 22.12 2.60
N ILE B 243 0.87 21.63 3.32
CA ILE B 243 0.83 20.25 3.83
C ILE B 243 0.74 19.24 2.68
N ILE B 244 -0.19 19.50 1.75
CA ILE B 244 -0.43 18.62 0.60
C ILE B 244 0.85 18.42 -0.22
N ARG B 245 1.60 19.50 -0.44
CA ARG B 245 2.83 19.46 -1.22
C ARG B 245 3.89 18.61 -0.58
N GLN B 246 3.97 18.66 0.75
CA GLN B 246 4.94 17.87 1.47
C GLN B 246 4.58 16.38 1.37
N LEU B 247 3.31 16.07 1.63
CA LEU B 247 2.78 14.72 1.49
C LEU B 247 3.01 14.13 0.11
N ASN B 248 3.06 14.97 -0.90
CA ASN B 248 3.23 14.48 -2.27
C ASN B 248 4.58 13.86 -2.50
N ILE B 249 5.65 14.61 -2.21
CA ILE B 249 7.01 14.10 -2.23
C ILE B 249 7.11 12.62 -1.77
N VAL B 250 6.39 12.22 -0.72
CA VAL B 250 6.60 10.89 -0.11
C VAL B 250 5.64 9.72 -0.42
N ARG B 251 4.74 9.86 -1.39
CA ARG B 251 3.81 8.76 -1.69
C ARG B 251 4.42 7.64 -2.54
N PRO B 252 3.94 6.39 -2.37
CA PRO B 252 4.39 5.21 -3.14
C PRO B 252 4.05 5.25 -4.63
N PRO B 253 4.88 4.57 -5.49
CA PRO B 253 4.80 4.41 -6.96
C PRO B 253 3.42 4.22 -7.61
N PHE B 254 2.43 3.78 -6.84
CA PHE B 254 1.10 3.49 -7.34
C PHE B 254 0.16 3.50 -6.17
N ASN B 255 -1.11 3.71 -6.47
CA ASN B 255 -2.12 3.76 -5.45
C ASN B 255 -3.26 2.90 -5.93
N THR B 256 -4.23 3.57 -6.56
CA THR B 256 -5.48 2.94 -6.98
C THR B 256 -5.39 2.46 -8.41
N THR B 257 -6.38 1.66 -8.78
CA THR B 257 -6.61 1.27 -10.16
C THR B 257 -7.45 2.35 -10.81
N SER B 258 -7.39 2.45 -12.14
CA SER B 258 -8.21 3.40 -12.85
C SER B 258 -9.69 3.11 -12.67
N ILE B 259 -10.04 1.85 -12.41
CA ILE B 259 -11.42 1.49 -12.14
C ILE B 259 -11.87 2.01 -10.76
N GLY B 260 -11.02 1.86 -9.75
CA GLY B 260 -11.32 2.39 -8.43
C GLY B 260 -11.68 3.85 -8.53
N GLN B 261 -10.86 4.60 -9.24
CA GLN B 261 -11.09 6.01 -9.52
C GLN B 261 -12.41 6.24 -10.28
N LYS B 262 -12.71 5.40 -11.26
CA LYS B 262 -13.97 5.48 -12.00
C LYS B 262 -15.15 5.31 -11.06
N LEU B 263 -15.02 4.39 -10.11
CA LEU B 263 -16.09 4.09 -9.19
C LEU B 263 -16.32 5.22 -8.20
N ALA B 264 -15.24 5.90 -7.81
CA ALA B 264 -15.33 6.93 -6.78
C ALA B 264 -15.98 8.18 -7.35
N ILE B 265 -15.68 8.46 -8.62
CA ILE B 265 -16.28 9.59 -9.34
C ILE B 265 -17.80 9.45 -9.25
N GLU B 266 -18.30 8.29 -9.61
CA GLU B 266 -19.72 8.04 -9.50
C GLU B 266 -20.23 7.97 -8.06
N ALA B 267 -19.43 7.47 -7.14
CA ALA B 267 -19.87 7.43 -5.77
C ALA B 267 -20.25 8.83 -5.25
N ILE B 268 -19.33 9.81 -5.31
CA ILE B 268 -19.63 11.15 -4.76
C ILE B 268 -20.80 11.83 -5.46
N LYS B 269 -21.09 11.42 -6.69
CA LYS B 269 -22.28 11.90 -7.38
C LYS B 269 -23.59 11.35 -6.83
N ASP B 270 -23.60 10.15 -6.27
CA ASP B 270 -24.87 9.52 -5.90
C ASP B 270 -25.22 9.80 -4.48
N GLN B 271 -25.49 11.06 -4.19
CA GLN B 271 -25.82 11.46 -2.83
C GLN B 271 -27.18 10.95 -2.36
N ALA B 272 -28.11 10.64 -3.28
CA ALA B 272 -29.41 10.13 -2.90
C ALA B 272 -29.27 8.79 -2.18
N PHE B 273 -28.42 7.91 -2.72
CA PHE B 273 -28.03 6.65 -2.03
C PHE B 273 -27.47 6.90 -0.62
N ILE B 274 -26.61 7.90 -0.47
CA ILE B 274 -26.03 8.25 0.84
C ILE B 274 -27.07 8.80 1.83
N GLY B 275 -27.99 9.63 1.33
CA GLY B 275 -29.16 10.05 2.09
C GLY B 275 -29.94 8.87 2.64
N GLU B 276 -30.41 7.97 1.77
CA GLU B 276 -31.17 6.81 2.23
C GLU B 276 -30.38 5.91 3.18
N CYS B 277 -29.09 5.73 2.92
CA CYS B 277 -28.22 5.00 3.88
C CYS B 277 -28.10 5.71 5.24
N ARG B 278 -27.88 7.01 5.20
CA ARG B 278 -27.75 7.75 6.42
C ARG B 278 -29.03 7.53 7.21
N THR B 279 -30.18 7.54 6.53
CA THR B 279 -31.40 7.39 7.28
C THR B 279 -31.64 5.92 7.75
N SER B 280 -31.43 4.92 6.91
CA SER B 280 -31.62 3.54 7.41
C SER B 280 -30.70 3.19 8.56
N ASN B 281 -29.44 3.62 8.47
CA ASN B 281 -28.51 3.49 9.58
C ASN B 281 -29.01 4.10 10.89
N ALA B 282 -29.51 5.33 10.84
CA ALA B 282 -30.03 5.96 12.03
C ALA B 282 -31.18 5.14 12.59
N ASN B 283 -31.99 4.56 11.74
CA ASN B 283 -33.01 3.63 12.24
C ASN B 283 -32.47 2.35 12.90
N GLY B 284 -31.43 1.79 12.31
CA GLY B 284 -30.74 0.68 12.94
C GLY B 284 -30.28 1.05 14.34
N ILE B 285 -29.70 2.24 14.48
CA ILE B 285 -29.20 2.72 15.77
C ILE B 285 -30.34 2.86 16.77
N LYS B 286 -31.46 3.40 16.33
CA LYS B 286 -32.65 3.44 17.18
C LYS B 286 -33.03 2.06 17.70
N GLN B 287 -32.93 1.04 16.84
CA GLN B 287 -33.16 -0.34 17.27
C GLN B 287 -32.31 -0.71 18.48
N TYR B 288 -31.00 -0.50 18.41
CA TYR B 288 -30.13 -0.79 19.54
C TYR B 288 -30.40 0.05 20.78
N GLU B 289 -30.86 1.28 20.60
CA GLU B 289 -31.16 2.13 21.73
C GLU B 289 -32.36 1.61 22.55
N ALA B 290 -33.46 1.26 21.88
CA ALA B 290 -34.61 0.57 22.51
C ALA B 290 -34.16 -0.65 23.31
N PHE B 291 -33.23 -1.41 22.75
CA PHE B 291 -32.66 -2.56 23.44
C PHE B 291 -31.89 -2.19 24.73
N ALA B 292 -30.90 -1.30 24.64
CA ALA B 292 -30.19 -0.82 25.85
C ALA B 292 -31.16 -0.20 26.88
N LYS B 293 -32.20 0.48 26.43
CA LYS B 293 -33.14 1.10 27.33
C LYS B 293 -33.98 0.06 28.07
N ARG B 294 -34.13 -1.10 27.46
CA ARG B 294 -34.85 -2.22 28.05
C ARG B 294 -33.94 -2.87 29.13
N PHE B 295 -32.63 -2.95 28.87
CA PHE B 295 -31.72 -3.65 29.79
C PHE B 295 -30.68 -2.76 30.44
N GLU B 296 -30.89 -2.53 31.72
CA GLU B 296 -30.14 -1.56 32.51
C GLU B 296 -28.65 -1.90 32.57
N LYS B 297 -28.32 -3.19 32.63
CA LYS B 297 -26.97 -3.64 32.88
C LYS B 297 -26.10 -3.56 31.64
N VAL B 298 -26.72 -3.23 30.50
CA VAL B 298 -26.00 -3.11 29.24
C VAL B 298 -25.50 -1.68 29.12
N LYS B 299 -24.27 -1.52 28.63
CA LYS B 299 -23.72 -0.20 28.33
C LYS B 299 -23.62 0.02 26.81
N LEU B 300 -24.55 0.79 26.25
CA LEU B 300 -24.49 1.21 24.84
C LEU B 300 -23.79 2.58 24.70
N TYR B 301 -22.59 2.59 24.14
CA TYR B 301 -21.94 3.86 23.77
C TYR B 301 -22.72 4.66 22.69
N PRO B 302 -22.63 6.01 22.70
CA PRO B 302 -23.41 6.90 21.80
C PRO B 302 -23.01 6.74 20.33
N ALA B 303 -23.87 6.13 19.53
CA ALA B 303 -23.49 5.80 18.15
C ALA B 303 -23.73 6.91 17.11
N ASN B 304 -22.69 7.26 16.35
CA ASN B 304 -22.83 8.25 15.28
C ASN B 304 -22.17 7.82 13.97
N GLY B 305 -21.71 6.59 13.92
CA GLY B 305 -21.22 5.98 12.67
C GLY B 305 -22.18 4.86 12.36
N ASN B 306 -21.71 3.81 11.71
CA ASN B 306 -22.58 2.71 11.27
C ASN B 306 -22.33 1.41 12.04
N PHE B 307 -21.94 1.56 13.32
CA PHE B 307 -21.66 0.42 14.19
C PHE B 307 -22.15 0.80 15.58
N VAL B 308 -22.35 -0.17 16.45
CA VAL B 308 -22.61 0.12 17.87
C VAL B 308 -21.57 -0.63 18.70
N LEU B 309 -21.20 -0.06 19.83
CA LEU B 309 -20.36 -0.75 20.79
C LEU B 309 -21.20 -1.02 22.03
N ILE B 310 -21.33 -2.30 22.37
CA ILE B 310 -22.22 -2.73 23.39
C ILE B 310 -21.43 -3.55 24.40
N ASP B 311 -21.33 -3.03 25.62
CA ASP B 311 -20.71 -3.72 26.75
C ASP B 311 -21.73 -4.50 27.55
N LEU B 312 -21.61 -5.82 27.49
CA LEU B 312 -22.54 -6.74 28.11
C LEU B 312 -22.12 -7.20 29.50
N GLY B 313 -20.92 -6.83 29.92
CA GLY B 313 -20.36 -7.40 31.13
C GLY B 313 -20.04 -8.88 30.98
N ILE B 314 -20.15 -9.39 29.76
CA ILE B 314 -19.76 -10.76 29.43
C ILE B 314 -18.42 -10.65 28.68
N GLU B 315 -17.52 -11.61 28.88
CA GLU B 315 -16.24 -11.63 28.15
C GLU B 315 -16.41 -11.49 26.65
N ALA B 316 -15.56 -10.66 26.03
CA ALA B 316 -15.74 -10.29 24.62
C ALA B 316 -15.72 -11.51 23.71
N GLY B 317 -14.81 -12.45 24.01
CA GLY B 317 -14.65 -13.65 23.19
C GLY B 317 -15.85 -14.56 23.24
N THR B 318 -16.53 -14.61 24.38
CA THR B 318 -17.73 -15.42 24.56
C THR B 318 -18.88 -14.82 23.74
N ILE B 319 -18.97 -13.50 23.74
CA ILE B 319 -20.05 -12.85 23.04
C ILE B 319 -19.82 -13.12 21.57
N PHE B 320 -18.55 -13.07 21.16
CA PHE B 320 -18.18 -13.21 19.77
C PHE B 320 -18.59 -14.61 19.25
N SER B 321 -18.19 -15.65 19.96
CA SER B 321 -18.54 -17.02 19.59
C SER B 321 -20.01 -17.26 19.55
N TYR B 322 -20.74 -16.67 20.49
CA TYR B 322 -22.16 -16.98 20.64
C TYR B 322 -22.91 -16.42 19.45
N LEU B 323 -22.59 -15.21 19.06
CA LEU B 323 -23.27 -14.60 17.96
C LEU B 323 -22.86 -15.31 16.65
N GLU B 324 -21.59 -15.66 16.55
CA GLU B 324 -21.01 -16.33 15.38
C GLU B 324 -21.60 -17.72 15.19
N LYS B 325 -21.62 -18.52 16.26
CA LYS B 325 -22.28 -19.83 16.22
C LYS B 325 -23.78 -19.73 15.97
N ASN B 326 -24.33 -18.53 15.97
CA ASN B 326 -25.72 -18.34 15.51
C ASN B 326 -25.80 -17.62 14.18
N GLY B 327 -24.65 -17.43 13.52
CA GLY B 327 -24.63 -16.86 12.18
C GLY B 327 -24.47 -15.36 12.05
N TYR B 328 -23.91 -14.69 13.05
CA TYR B 328 -23.55 -13.28 12.91
C TYR B 328 -22.11 -13.04 13.32
N ILE B 329 -21.25 -12.65 12.38
CA ILE B 329 -19.86 -12.26 12.74
C ILE B 329 -19.84 -10.80 13.16
N THR B 330 -19.21 -10.53 14.30
CA THR B 330 -19.13 -9.16 14.83
C THR B 330 -17.67 -8.93 15.16
N ARG B 331 -17.33 -7.74 15.65
CA ARG B 331 -15.94 -7.45 15.96
C ARG B 331 -15.80 -7.48 17.46
N SER B 332 -14.90 -8.35 17.92
CA SER B 332 -14.70 -8.59 19.34
C SER B 332 -14.05 -7.38 20.01
N GLY B 333 -14.48 -7.08 21.23
CA GLY B 333 -13.99 -5.90 21.93
C GLY B 333 -12.58 -6.06 22.49
N ALA B 334 -12.18 -7.30 22.73
CA ALA B 334 -10.85 -7.63 23.22
C ALA B 334 -9.79 -7.19 22.23
N ALA B 335 -10.14 -7.05 20.95
CA ALA B 335 -9.23 -6.47 19.96
C ALA B 335 -9.30 -4.94 19.96
N LEU B 336 -10.32 -4.39 20.62
CA LEU B 336 -10.61 -2.98 20.48
C LEU B 336 -10.34 -2.13 21.73
N GLY B 337 -9.93 -2.77 22.83
CA GLY B 337 -9.77 -2.10 24.12
C GLY B 337 -10.94 -2.20 25.07
N PHE B 338 -11.84 -3.16 24.83
CA PHE B 338 -13.09 -3.33 25.62
C PHE B 338 -13.34 -4.81 25.85
N PRO B 339 -12.79 -5.35 26.96
CA PRO B 339 -12.78 -6.78 27.26
C PRO B 339 -14.15 -7.45 27.41
N THR B 340 -15.22 -6.66 27.52
CA THR B 340 -16.56 -7.19 27.76
C THR B 340 -17.58 -6.58 26.81
N ALA B 341 -17.07 -6.08 25.68
CA ALA B 341 -17.91 -5.53 24.64
C ALA B 341 -17.70 -6.20 23.26
N VAL B 342 -18.68 -6.02 22.38
CA VAL B 342 -18.49 -6.23 20.96
C VAL B 342 -18.98 -5.05 20.21
N ARG B 343 -18.41 -4.84 19.03
CA ARG B 343 -18.81 -3.79 18.13
C ARG B 343 -19.51 -4.45 16.96
N ILE B 344 -20.70 -3.97 16.67
CA ILE B 344 -21.56 -4.58 15.67
C ILE B 344 -21.91 -3.51 14.64
N THR B 345 -21.67 -3.83 13.38
CA THR B 345 -22.02 -2.94 12.32
C THR B 345 -23.53 -2.94 12.21
N ILE B 346 -24.14 -1.76 12.05
CA ILE B 346 -25.57 -1.63 11.73
C ILE B 346 -25.83 -2.10 10.30
N GLY B 347 -26.69 -3.09 10.16
CA GLY B 347 -27.05 -3.62 8.83
C GLY B 347 -28.49 -3.33 8.51
N LYS B 348 -29.15 -4.25 7.80
CA LYS B 348 -30.57 -4.12 7.52
C LYS B 348 -31.34 -4.37 8.79
N GLU B 349 -32.53 -3.81 8.86
CA GLU B 349 -33.34 -3.88 10.05
C GLU B 349 -33.53 -5.30 10.58
N GLU B 350 -33.84 -6.22 9.66
CA GLU B 350 -34.15 -7.62 10.00
C GLU B 350 -32.95 -8.38 10.57
N ASP B 351 -31.75 -7.84 10.35
CA ASP B 351 -30.52 -8.38 10.94
C ASP B 351 -30.16 -7.75 12.27
N ASN B 352 -30.40 -6.44 12.41
CA ASN B 352 -30.29 -5.81 13.71
C ASN B 352 -31.24 -6.50 14.71
N SER B 353 -32.47 -6.78 14.27
CA SER B 353 -33.46 -7.43 15.13
C SER B 353 -33.02 -8.78 15.67
N ALA B 354 -32.39 -9.57 14.80
CA ALA B 354 -32.02 -10.95 15.13
C ALA B 354 -30.85 -10.97 16.08
N VAL B 355 -29.92 -10.03 15.90
CA VAL B 355 -28.79 -9.90 16.80
C VAL B 355 -29.31 -9.46 18.18
N ILE B 356 -30.26 -8.52 18.18
CA ILE B 356 -30.83 -8.01 19.45
C ILE B 356 -31.55 -9.15 20.18
N ALA B 357 -32.42 -9.87 19.47
CA ALA B 357 -33.03 -11.12 20.02
C ALA B 357 -32.02 -12.08 20.63
N LEU B 358 -30.85 -12.22 20.01
CA LEU B 358 -29.81 -13.15 20.51
C LEU B 358 -29.14 -12.64 21.79
N LEU B 359 -28.88 -11.33 21.80
CA LEU B 359 -28.26 -10.67 22.91
C LEU B 359 -29.16 -10.73 24.14
N GLU B 360 -30.46 -10.47 23.92
CA GLU B 360 -31.47 -10.51 24.95
C GLU B 360 -31.50 -11.80 25.77
N LYS B 361 -31.32 -12.93 25.10
CA LYS B 361 -31.28 -14.23 25.75
C LYS B 361 -30.11 -14.34 26.74
N LEU B 362 -29.03 -13.63 26.46
CA LEU B 362 -27.90 -13.52 27.37
C LEU B 362 -28.23 -12.77 28.66
N LEU B 363 -29.28 -11.95 28.61
CA LEU B 363 -29.52 -10.92 29.64
C LEU B 363 -30.75 -11.20 30.50
#